data_4YG6
#
_entry.id   4YG6
#
_cell.length_a   36.200
_cell.length_b   140.280
_cell.length_c   54.600
_cell.angle_alpha   90.00
_cell.angle_beta   90.78
_cell.angle_gamma   90.00
#
_symmetry.space_group_name_H-M   'P 1 21 1'
#
loop_
_entity.id
_entity.type
_entity.pdbx_description
1 polymer 'Outer capsid protein VP8*'
2 branched beta-D-galactopyranose-(1-4)-2-acetamido-2-deoxy-beta-D-glucopyranose-(1-3)-beta-D-galactopyranose-(1-4)-beta-D-glucopyranose
3 branched beta-D-galactopyranose-(1-4)-2-acetamido-2-deoxy-beta-D-glucopyranose
4 non-polymer 'PHOSPHATE ION'
5 water water
#
_entity_poly.entity_id   1
_entity_poly.type   'polypeptide(L)'
_entity_poly.pdbx_seq_one_letter_code
;GSLDGPYAPDSSNLPSNCWYLVNPSNDGVVFSVTDNSTFWMFTYLVLPNTAQTNVTVNVMNETVNISIDNSGSTYRFVDY
IKTSSTQAYGSRNYLNTAHRLQAYRRDGDGNISNYWGADTQGDLRVGTYSNPVPNAVINLNADFYVIPDSQQETCTEYIR
GGL
;
_entity_poly.pdbx_strand_id   A,B,C,D
#
loop_
_chem_comp.id
_chem_comp.type
_chem_comp.name
_chem_comp.formula
BGC D-saccharide, beta linking beta-D-glucopyranose 'C6 H12 O6'
GAL D-saccharide, beta linking beta-D-galactopyranose 'C6 H12 O6'
NAG D-saccharide, beta linking 2-acetamido-2-deoxy-beta-D-glucopyranose 'C8 H15 N O6'
PO4 non-polymer 'PHOSPHATE ION' 'O4 P -3'
#
# COMPACT_ATOMS: atom_id res chain seq x y z
N SER A 2 -3.07 -17.89 -25.48
CA SER A 2 -3.06 -17.04 -24.28
C SER A 2 -2.62 -17.82 -23.03
N LEU A 3 -3.28 -18.89 -22.65
CA LEU A 3 -2.72 -19.83 -21.69
C LEU A 3 -1.72 -20.70 -22.40
N ASP A 4 -0.55 -20.75 -21.82
CA ASP A 4 0.61 -21.33 -22.45
C ASP A 4 0.70 -22.77 -22.09
N GLY A 5 0.19 -23.60 -22.98
CA GLY A 5 0.13 -25.03 -22.78
C GLY A 5 -1.09 -25.63 -23.46
N PRO A 6 -1.36 -26.92 -23.25
CA PRO A 6 -0.64 -27.85 -22.35
C PRO A 6 0.64 -28.40 -22.94
N TYR A 7 1.59 -28.67 -22.07
CA TYR A 7 2.83 -29.33 -22.43
C TYR A 7 2.78 -30.75 -21.87
N ALA A 8 3.28 -31.71 -22.63
CA ALA A 8 3.37 -33.08 -22.17
C ALA A 8 4.30 -33.17 -20.96
N PRO A 9 4.11 -34.20 -20.12
CA PRO A 9 4.98 -34.40 -18.96
C PRO A 9 6.46 -34.32 -19.35
N ASP A 10 7.25 -33.66 -18.52
CA ASP A 10 8.64 -33.38 -18.85
C ASP A 10 9.50 -33.30 -17.60
N SER A 11 10.78 -33.66 -17.76
CA SER A 11 11.79 -33.48 -16.73
C SER A 11 12.87 -32.55 -17.23
N SER A 12 13.19 -31.54 -16.44
CA SER A 12 14.09 -30.50 -16.91
C SER A 12 14.61 -29.67 -15.76
N ASN A 13 15.80 -29.09 -15.94
CA ASN A 13 16.26 -28.01 -15.07
C ASN A 13 15.50 -26.75 -15.46
N LEU A 14 14.31 -26.59 -14.91
CA LEU A 14 13.37 -25.55 -15.33
C LEU A 14 13.79 -24.15 -14.90
N PRO A 15 13.45 -23.14 -15.72
CA PRO A 15 13.72 -21.74 -15.38
C PRO A 15 12.94 -21.31 -14.14
N SER A 16 13.43 -20.27 -13.48
CA SER A 16 12.84 -19.75 -12.26
C SER A 16 11.70 -18.79 -12.48
N ASN A 17 11.02 -18.47 -11.39
CA ASN A 17 10.05 -17.39 -11.38
C ASN A 17 8.99 -17.41 -12.47
N CYS A 18 8.52 -18.62 -12.74
CA CYS A 18 7.29 -18.78 -13.49
C CYS A 18 6.61 -20.00 -12.88
N TRP A 19 5.32 -20.08 -13.07
CA TRP A 19 4.54 -21.13 -12.44
C TRP A 19 4.31 -22.27 -13.41
N TYR A 20 4.50 -23.50 -12.94
CA TYR A 20 4.19 -24.67 -13.75
C TYR A 20 2.94 -25.30 -13.17
N LEU A 21 1.83 -25.12 -13.87
CA LEU A 21 0.53 -25.56 -13.39
C LEU A 21 0.26 -26.95 -13.94
N VAL A 22 0.28 -27.97 -13.08
CA VAL A 22 0.07 -29.33 -13.55
C VAL A 22 -1.41 -29.72 -13.50
N ASN A 23 -1.82 -30.53 -14.47
CA ASN A 23 -3.20 -30.97 -14.56
C ASN A 23 -3.27 -32.48 -14.78
N PRO A 24 -2.91 -33.24 -13.74
CA PRO A 24 -2.88 -34.71 -13.87
C PRO A 24 -4.27 -35.28 -14.06
N SER A 25 -4.36 -36.38 -14.78
CA SER A 25 -5.62 -37.09 -14.92
C SER A 25 -5.60 -38.37 -14.07
N ASN A 26 -4.44 -38.71 -13.53
CA ASN A 26 -4.29 -39.92 -12.70
C ASN A 26 -3.75 -39.60 -11.32
N ASP A 27 -4.02 -40.47 -10.35
CA ASP A 27 -3.46 -40.25 -9.02
C ASP A 27 -1.98 -40.64 -9.02
N GLY A 28 -1.32 -40.49 -7.88
CA GLY A 28 0.07 -40.82 -7.75
C GLY A 28 1.00 -39.61 -7.88
N VAL A 29 2.26 -39.88 -8.14
CA VAL A 29 3.27 -38.83 -8.18
C VAL A 29 3.04 -37.87 -9.35
N VAL A 30 2.96 -36.59 -9.05
CA VAL A 30 2.71 -35.59 -10.10
C VAL A 30 3.90 -34.65 -10.27
N PHE A 31 4.79 -34.63 -9.29
CA PHE A 31 5.88 -33.67 -9.23
C PHE A 31 6.99 -34.26 -8.41
N SER A 32 8.23 -34.07 -8.82
CA SER A 32 9.36 -34.45 -7.98
C SER A 32 10.60 -33.63 -8.32
N VAL A 33 11.44 -33.42 -7.30
CA VAL A 33 12.72 -32.74 -7.48
C VAL A 33 13.71 -33.15 -6.39
N THR A 34 14.96 -33.41 -6.78
CA THR A 34 16.00 -33.59 -5.79
C THR A 34 17.33 -33.09 -6.33
N ASP A 35 18.20 -32.63 -5.42
CA ASP A 35 19.59 -32.33 -5.80
C ASP A 35 20.49 -33.49 -5.40
N ASN A 36 19.88 -34.59 -4.98
CA ASN A 36 20.60 -35.80 -4.60
C ASN A 36 21.54 -35.56 -3.42
N SER A 37 21.32 -34.47 -2.68
CA SER A 37 22.25 -34.11 -1.62
C SER A 37 21.57 -33.62 -0.35
N THR A 38 20.65 -32.66 -0.52
CA THR A 38 20.11 -31.96 0.63
C THR A 38 18.58 -31.95 0.69
N PHE A 39 17.94 -32.31 -0.41
CA PHE A 39 16.49 -32.15 -0.50
C PHE A 39 15.92 -33.11 -1.51
N TRP A 40 14.89 -33.84 -1.10
CA TRP A 40 14.10 -34.70 -1.96
C TRP A 40 12.64 -34.33 -1.72
N MET A 41 11.91 -34.01 -2.77
CA MET A 41 10.50 -33.64 -2.64
C MET A 41 9.66 -34.28 -3.74
N PHE A 42 8.52 -34.86 -3.38
CA PHE A 42 7.55 -35.19 -4.41
C PHE A 42 6.14 -34.91 -3.93
N THR A 43 5.22 -34.76 -4.87
CA THR A 43 3.81 -34.60 -4.53
C THR A 43 3.03 -35.78 -5.05
N TYR A 44 2.23 -36.37 -4.18
CA TYR A 44 1.40 -37.51 -4.52
C TYR A 44 -0.06 -37.08 -4.53
N LEU A 45 -0.74 -37.27 -5.66
CA LEU A 45 -2.17 -36.98 -5.73
C LEU A 45 -2.97 -38.15 -5.15
N VAL A 46 -3.70 -37.87 -4.07
CA VAL A 46 -4.53 -38.86 -3.40
C VAL A 46 -6.01 -38.68 -3.77
N LEU A 47 -6.66 -39.74 -4.21
CA LEU A 47 -8.06 -39.65 -4.58
C LEU A 47 -8.94 -39.40 -3.35
N PRO A 48 -10.10 -38.76 -3.54
CA PRO A 48 -11.03 -38.63 -2.42
C PRO A 48 -11.46 -40.00 -1.88
N ASN A 49 -11.91 -40.03 -0.63
CA ASN A 49 -12.40 -41.25 0.01
C ASN A 49 -11.38 -42.40 0.01
N THR A 50 -10.12 -42.06 0.28
CA THR A 50 -9.07 -43.06 0.40
C THR A 50 -8.76 -43.35 1.86
N ALA A 51 -9.03 -44.58 2.30
CA ALA A 51 -8.67 -45.01 3.65
C ALA A 51 -7.15 -45.03 3.76
N GLN A 52 -6.61 -44.83 4.97
CA GLN A 52 -5.16 -44.82 5.12
C GLN A 52 -4.58 -46.12 4.58
N THR A 53 -3.54 -45.98 3.76
CA THR A 53 -2.92 -47.12 3.12
C THR A 53 -1.43 -46.85 2.99
N ASN A 54 -0.63 -47.90 3.16
CA ASN A 54 0.76 -47.82 2.76
C ASN A 54 0.93 -48.25 1.31
N VAL A 55 1.52 -47.38 0.51
CA VAL A 55 1.69 -47.65 -0.91
C VAL A 55 3.16 -47.50 -1.32
N THR A 56 3.52 -48.25 -2.34
CA THR A 56 4.86 -48.24 -2.87
C THR A 56 4.99 -47.31 -4.06
N VAL A 57 6.00 -46.46 -4.03
CA VAL A 57 6.17 -45.41 -5.01
C VAL A 57 7.58 -45.44 -5.59
N ASN A 58 7.66 -45.32 -6.91
CA ASN A 58 8.95 -45.20 -7.58
C ASN A 58 9.19 -43.75 -7.90
N VAL A 59 10.16 -43.14 -7.24
CA VAL A 59 10.40 -41.74 -7.45
C VAL A 59 11.89 -41.42 -7.26
N MET A 60 12.42 -40.60 -8.16
CA MET A 60 13.79 -40.13 -8.07
C MET A 60 14.78 -41.28 -7.86
N ASN A 61 14.62 -42.31 -8.70
CA ASN A 61 15.53 -43.47 -8.78
C ASN A 61 15.51 -44.40 -7.57
N GLU A 62 14.53 -44.22 -6.71
CA GLU A 62 14.31 -45.12 -5.58
C GLU A 62 12.88 -45.60 -5.56
N THR A 63 12.66 -46.64 -4.76
CA THR A 63 11.33 -47.11 -4.45
C THR A 63 11.10 -47.00 -2.96
N VAL A 64 10.07 -46.27 -2.54
CA VAL A 64 9.83 -46.06 -1.12
C VAL A 64 8.39 -46.36 -0.74
N ASN A 65 8.18 -46.67 0.53
CA ASN A 65 6.83 -46.82 1.03
C ASN A 65 6.38 -45.54 1.72
N ILE A 66 5.18 -45.09 1.38
CA ILE A 66 4.59 -43.95 2.08
C ILE A 66 3.19 -44.28 2.53
N SER A 67 2.78 -43.62 3.60
CA SER A 67 1.42 -43.71 4.08
C SER A 67 0.62 -42.59 3.42
N ILE A 68 -0.48 -42.96 2.76
CA ILE A 68 -1.40 -41.96 2.20
C ILE A 68 -2.77 -42.12 2.83
N ASP A 69 -3.53 -41.03 2.82
CA ASP A 69 -4.88 -41.04 3.40
C ASP A 69 -5.61 -39.81 2.87
N ASN A 70 -6.90 -39.99 2.56
CA ASN A 70 -7.77 -38.87 2.19
C ASN A 70 -9.22 -39.28 2.41
N SER A 71 -9.62 -39.25 3.67
CA SER A 71 -11.01 -39.52 4.08
C SER A 71 -12.00 -38.47 3.55
N GLY A 72 -11.52 -37.31 3.16
CA GLY A 72 -12.36 -36.21 2.69
C GLY A 72 -12.93 -36.43 1.28
N SER A 73 -13.73 -35.48 0.79
CA SER A 73 -14.43 -35.66 -0.49
C SER A 73 -13.72 -34.98 -1.66
N THR A 74 -12.64 -34.27 -1.38
CA THR A 74 -11.82 -33.65 -2.43
C THR A 74 -10.54 -34.42 -2.70
N TYR A 75 -9.88 -34.06 -3.80
CA TYR A 75 -8.53 -34.54 -4.06
C TYR A 75 -7.56 -33.97 -3.04
N ARG A 76 -6.46 -34.67 -2.80
CA ARG A 76 -5.39 -34.13 -1.99
C ARG A 76 -4.06 -34.27 -2.69
N PHE A 77 -3.43 -33.13 -2.99
CA PHE A 77 -2.05 -33.11 -3.44
C PHE A 77 -1.19 -33.06 -2.19
N VAL A 78 -0.50 -34.16 -1.89
CA VAL A 78 0.27 -34.23 -0.66
C VAL A 78 1.77 -34.24 -0.93
N ASP A 79 2.48 -33.31 -0.30
CA ASP A 79 3.93 -33.22 -0.44
C ASP A 79 4.63 -34.18 0.51
N TYR A 80 5.62 -34.92 0.00
CA TYR A 80 6.47 -35.79 0.79
C TYR A 80 7.91 -35.34 0.63
N ILE A 81 8.61 -35.16 1.74
CA ILE A 81 9.95 -34.56 1.75
C ILE A 81 10.90 -35.30 2.68
N LYS A 82 12.16 -35.39 2.27
CA LYS A 82 13.24 -35.78 3.17
C LYS A 82 14.46 -34.91 2.88
N THR A 83 15.38 -34.80 3.83
CA THR A 83 16.56 -33.97 3.64
C THR A 83 17.85 -34.77 3.84
N SER A 84 17.73 -36.10 3.92
CA SER A 84 18.89 -37.00 3.84
C SER A 84 18.53 -38.26 3.06
N SER A 85 19.52 -38.89 2.44
CA SER A 85 19.25 -40.05 1.59
C SER A 85 18.77 -41.24 2.43
N THR A 86 19.27 -41.34 3.66
CA THR A 86 18.96 -42.47 4.51
C THR A 86 17.63 -42.30 5.24
N GLN A 87 17.13 -41.08 5.24
CA GLN A 87 15.94 -40.69 5.99
C GLN A 87 14.67 -41.10 5.24
N ALA A 88 13.62 -41.39 5.99
CA ALA A 88 12.32 -41.68 5.40
C ALA A 88 11.61 -40.39 4.94
N TYR A 89 10.90 -40.47 3.82
CA TYR A 89 10.03 -39.38 3.41
C TYR A 89 8.93 -39.16 4.43
N GLY A 90 8.60 -37.91 4.69
CA GLY A 90 7.48 -37.57 5.55
C GLY A 90 6.59 -36.55 4.88
N SER A 91 5.26 -36.70 5.02
CA SER A 91 4.36 -35.74 4.41
C SER A 91 4.54 -34.38 5.08
N ARG A 92 4.33 -33.33 4.29
CA ARG A 92 4.45 -31.97 4.78
C ARG A 92 3.19 -31.21 4.44
N ASN A 93 3.29 -30.17 3.61
CA ASN A 93 2.09 -29.44 3.23
C ASN A 93 1.27 -30.17 2.19
N TYR A 94 0.04 -29.71 1.98
CA TYR A 94 -0.86 -30.34 1.04
C TYR A 94 -1.91 -29.35 0.55
N LEU A 95 -2.62 -29.75 -0.50
CA LEU A 95 -3.69 -28.95 -1.07
C LEU A 95 -4.93 -29.83 -1.23
N ASN A 96 -5.96 -29.54 -0.44
CA ASN A 96 -7.25 -30.24 -0.60
C ASN A 96 -8.11 -29.47 -1.60
N THR A 97 -8.44 -30.08 -2.72
CA THR A 97 -9.07 -29.35 -3.82
C THR A 97 -9.98 -30.21 -4.66
N ALA A 98 -11.07 -29.62 -5.16
CA ALA A 98 -11.99 -30.30 -6.06
C ALA A 98 -11.44 -30.41 -7.49
N HIS A 99 -10.35 -29.71 -7.77
CA HIS A 99 -9.75 -29.71 -9.11
C HIS A 99 -8.40 -30.40 -9.08
N ARG A 100 -8.07 -31.11 -10.16
CA ARG A 100 -6.77 -31.76 -10.29
C ARG A 100 -5.75 -30.75 -10.80
N LEU A 101 -5.54 -29.70 -10.03
CA LEU A 101 -4.63 -28.62 -10.40
C LEU A 101 -3.75 -28.24 -9.20
N GLN A 102 -2.45 -28.23 -9.42
CA GLN A 102 -1.49 -27.76 -8.44
C GLN A 102 -0.43 -26.99 -9.23
N ALA A 103 0.29 -26.07 -8.62
CA ALA A 103 1.28 -25.32 -9.38
C ALA A 103 2.57 -25.17 -8.61
N TYR A 104 3.69 -25.11 -9.34
CA TYR A 104 5.02 -25.06 -8.74
C TYR A 104 5.85 -23.93 -9.32
N ARG A 105 6.66 -23.31 -8.46
CA ARG A 105 7.59 -22.27 -8.87
C ARG A 105 8.94 -22.49 -8.18
N ARG A 106 10.04 -22.30 -8.90
CA ARG A 106 11.34 -22.30 -8.24
C ARG A 106 11.88 -20.88 -8.29
N ASP A 107 12.20 -20.31 -7.13
CA ASP A 107 12.57 -18.89 -7.13
C ASP A 107 14.05 -18.69 -7.42
N GLY A 108 14.49 -17.44 -7.35
CA GLY A 108 15.84 -17.09 -7.69
C GLY A 108 16.90 -17.73 -6.81
N ASP A 109 16.50 -18.22 -5.64
CA ASP A 109 17.45 -18.90 -4.77
C ASP A 109 17.29 -20.41 -4.84
N GLY A 110 16.33 -20.87 -5.65
CA GLY A 110 16.18 -22.28 -5.87
C GLY A 110 15.17 -22.95 -4.97
N ASN A 111 14.41 -22.16 -4.21
CA ASN A 111 13.39 -22.73 -3.33
C ASN A 111 12.10 -23.01 -4.09
N ILE A 112 11.47 -24.13 -3.73
CA ILE A 112 10.20 -24.53 -4.33
C ILE A 112 9.00 -23.89 -3.62
N SER A 113 8.10 -23.30 -4.41
CA SER A 113 6.81 -22.85 -3.90
C SER A 113 5.69 -23.63 -4.57
N ASN A 114 4.61 -23.86 -3.83
CA ASN A 114 3.42 -24.44 -4.41
C ASN A 114 2.22 -24.03 -3.56
N TYR A 115 1.02 -24.41 -3.98
CA TYR A 115 -0.18 -23.97 -3.28
C TYR A 115 -0.51 -24.93 -2.15
N TRP A 116 -0.75 -24.37 -0.96
CA TRP A 116 -1.08 -25.14 0.24
C TRP A 116 -2.46 -24.75 0.78
N GLY A 117 -3.19 -25.72 1.30
CA GLY A 117 -4.44 -25.38 1.95
C GLY A 117 -5.33 -26.57 2.24
N ALA A 118 -6.04 -26.48 3.36
CA ALA A 118 -7.07 -27.46 3.69
C ALA A 118 -8.32 -27.22 2.84
N ASP A 119 -8.36 -26.07 2.18
CA ASP A 119 -9.36 -25.78 1.16
C ASP A 119 -8.76 -24.80 0.15
N THR A 120 -9.47 -24.54 -0.93
CA THR A 120 -8.98 -23.57 -1.92
C THR A 120 -9.75 -22.26 -1.82
N GLN A 121 -10.32 -21.98 -0.65
CA GLN A 121 -10.93 -20.68 -0.42
C GLN A 121 -10.11 -19.94 0.62
N GLY A 122 -10.67 -19.75 1.81
CA GLY A 122 -10.03 -18.95 2.84
C GLY A 122 -8.67 -19.44 3.33
N ASP A 123 -8.42 -20.74 3.20
CA ASP A 123 -7.18 -21.32 3.72
C ASP A 123 -6.06 -21.38 2.67
N LEU A 124 -6.38 -21.02 1.43
CA LEU A 124 -5.42 -21.16 0.35
C LEU A 124 -4.26 -20.19 0.49
N ARG A 125 -3.04 -20.69 0.33
CA ARG A 125 -1.89 -19.80 0.31
C ARG A 125 -0.79 -20.38 -0.54
N VAL A 126 0.09 -19.49 -1.02
CA VAL A 126 1.30 -19.94 -1.70
C VAL A 126 2.37 -20.15 -0.65
N GLY A 127 2.86 -21.37 -0.54
CA GLY A 127 3.89 -21.68 0.43
C GLY A 127 5.24 -21.87 -0.22
N THR A 128 6.30 -21.66 0.54
CA THR A 128 7.66 -21.88 0.05
C THR A 128 8.41 -22.78 1.01
N TYR A 129 9.06 -23.81 0.47
CA TYR A 129 9.93 -24.66 1.25
C TYR A 129 11.34 -24.09 1.27
N SER A 130 11.88 -23.89 2.46
CA SER A 130 13.21 -23.30 2.60
C SER A 130 14.29 -24.35 2.39
N ASN A 131 14.38 -24.85 1.17
CA ASN A 131 15.34 -25.88 0.79
C ASN A 131 15.81 -25.66 -0.62
N PRO A 132 16.86 -24.84 -0.79
CA PRO A 132 17.24 -24.41 -2.14
C PRO A 132 17.81 -25.56 -2.96
N VAL A 133 17.25 -25.74 -4.15
CA VAL A 133 17.74 -26.73 -5.11
C VAL A 133 17.80 -26.06 -6.49
N PRO A 134 18.63 -25.01 -6.63
CA PRO A 134 18.60 -24.14 -7.82
C PRO A 134 18.89 -24.83 -9.15
N ASN A 135 19.68 -25.89 -9.16
CA ASN A 135 20.08 -26.50 -10.43
C ASN A 135 19.50 -27.88 -10.64
N ALA A 136 18.62 -28.30 -9.74
CA ALA A 136 18.06 -29.64 -9.81
C ALA A 136 17.08 -29.83 -10.97
N VAL A 137 17.06 -31.05 -11.49
CA VAL A 137 16.08 -31.46 -12.48
C VAL A 137 14.70 -31.53 -11.79
N ILE A 138 13.70 -30.91 -12.41
CA ILE A 138 12.33 -30.98 -11.93
C ILE A 138 11.52 -31.88 -12.84
N ASN A 139 10.82 -32.84 -12.23
CA ASN A 139 9.98 -33.77 -12.98
C ASN A 139 8.52 -33.37 -12.85
N LEU A 140 7.95 -32.88 -13.95
CA LEU A 140 6.53 -32.58 -14.00
C LEU A 140 5.82 -33.77 -14.64
N ASN A 141 5.16 -34.58 -13.82
CA ASN A 141 4.59 -35.84 -14.31
C ASN A 141 3.10 -35.70 -14.62
N ALA A 142 2.77 -34.69 -15.42
CA ALA A 142 1.41 -34.42 -15.84
C ALA A 142 1.48 -33.40 -16.96
N ASP A 143 0.43 -33.31 -17.76
CA ASP A 143 0.30 -32.17 -18.66
C ASP A 143 0.38 -30.88 -17.84
N PHE A 144 1.06 -29.87 -18.35
CA PHE A 144 1.20 -28.66 -17.58
C PHE A 144 1.17 -27.40 -18.43
N TYR A 145 0.97 -26.29 -17.74
CA TYR A 145 0.90 -24.96 -18.33
C TYR A 145 1.94 -24.08 -17.69
N VAL A 146 2.40 -23.05 -18.40
CA VAL A 146 3.39 -22.14 -17.87
C VAL A 146 2.82 -20.73 -17.75
N ILE A 147 2.85 -20.20 -16.53
CA ILE A 147 2.30 -18.89 -16.20
C ILE A 147 3.37 -17.98 -15.60
N PRO A 148 3.66 -16.85 -16.24
CA PRO A 148 4.68 -15.92 -15.73
C PRO A 148 4.36 -15.48 -14.30
N ASP A 149 5.39 -15.20 -13.52
CA ASP A 149 5.20 -14.75 -12.14
C ASP A 149 4.30 -13.51 -12.08
N SER A 150 4.38 -12.65 -13.09
CA SER A 150 3.57 -11.43 -13.14
C SER A 150 2.06 -11.75 -13.20
N GLN A 151 1.72 -12.98 -13.60
CA GLN A 151 0.32 -13.39 -13.68
C GLN A 151 -0.04 -14.40 -12.61
N GLN A 152 0.63 -14.33 -11.47
CA GLN A 152 0.38 -15.31 -10.42
C GLN A 152 -1.09 -15.31 -9.96
N GLU A 153 -1.75 -14.17 -9.94
CA GLU A 153 -3.16 -14.19 -9.54
C GLU A 153 -4.03 -14.97 -10.53
N THR A 154 -3.63 -14.99 -11.79
CA THR A 154 -4.30 -15.83 -12.78
C THR A 154 -4.12 -17.30 -12.43
N CYS A 155 -2.90 -17.67 -12.04
CA CYS A 155 -2.63 -19.03 -11.59
C CYS A 155 -3.51 -19.37 -10.40
N THR A 156 -3.58 -18.45 -9.45
CA THR A 156 -4.40 -18.65 -8.25
C THR A 156 -5.86 -18.91 -8.63
N GLU A 157 -6.38 -18.17 -9.61
CA GLU A 157 -7.76 -18.35 -10.08
C GLU A 157 -7.97 -19.76 -10.63
N TYR A 158 -6.97 -20.27 -11.35
CA TYR A 158 -7.05 -21.63 -11.89
C TYR A 158 -7.07 -22.66 -10.76
N ILE A 159 -6.21 -22.46 -9.77
CA ILE A 159 -6.14 -23.35 -8.62
C ILE A 159 -7.51 -23.43 -7.92
N ARG A 160 -8.19 -22.29 -7.81
CA ARG A 160 -9.51 -22.26 -7.15
C ARG A 160 -10.65 -22.78 -8.02
N GLY A 161 -10.61 -22.48 -9.32
CA GLY A 161 -11.77 -22.66 -10.16
C GLY A 161 -11.63 -23.50 -11.40
N GLY A 162 -10.45 -24.08 -11.61
CA GLY A 162 -10.24 -24.88 -12.80
C GLY A 162 -9.78 -24.02 -13.98
N LEU A 163 -9.38 -24.69 -15.05
CA LEU A 163 -8.90 -23.99 -16.25
C LEU A 163 -10.06 -23.26 -16.93
N GLY B 1 2.65 12.59 9.63
CA GLY B 1 2.10 13.85 9.15
C GLY B 1 1.55 13.71 7.74
N SER B 2 0.88 14.75 7.25
CA SER B 2 0.33 14.70 5.91
C SER B 2 1.44 14.69 4.85
N LEU B 3 1.12 14.09 3.72
CA LEU B 3 2.03 14.07 2.59
C LEU B 3 2.30 15.49 2.06
N ASP B 4 3.57 15.84 1.92
CA ASP B 4 3.99 17.20 1.56
C ASP B 4 3.96 17.40 0.04
N GLY B 5 2.90 18.04 -0.44
CA GLY B 5 2.71 18.25 -1.88
C GLY B 5 1.23 18.23 -2.21
N PRO B 6 0.90 18.25 -3.50
CA PRO B 6 1.82 18.19 -4.65
C PRO B 6 2.46 19.54 -4.98
N TYR B 7 3.67 19.47 -5.52
CA TYR B 7 4.37 20.63 -6.06
C TYR B 7 4.35 20.55 -7.58
N ALA B 8 4.18 21.69 -8.24
CA ALA B 8 4.25 21.75 -9.71
C ALA B 8 5.65 21.39 -10.19
N PRO B 9 5.78 20.92 -11.44
CA PRO B 9 7.09 20.59 -11.99
C PRO B 9 8.11 21.71 -11.75
N ASP B 10 9.32 21.34 -11.37
CA ASP B 10 10.30 22.32 -10.95
C ASP B 10 11.72 21.86 -11.24
N SER B 11 12.62 22.82 -11.38
CA SER B 11 14.05 22.58 -11.47
C SER B 11 14.69 23.21 -10.26
N SER B 12 15.55 22.46 -9.60
CA SER B 12 16.13 22.93 -8.36
C SER B 12 17.39 22.17 -8.03
N ASN B 13 18.33 22.84 -7.37
CA ASN B 13 19.44 22.16 -6.75
C ASN B 13 18.89 21.56 -5.47
N LEU B 14 18.32 20.36 -5.58
CA LEU B 14 17.54 19.80 -4.50
C LEU B 14 18.38 19.36 -3.30
N PRO B 15 17.86 19.56 -2.09
CA PRO B 15 18.51 19.10 -0.86
C PRO B 15 18.59 17.57 -0.80
N SER B 16 19.51 17.09 0.02
CA SER B 16 19.69 15.67 0.30
C SER B 16 18.70 15.25 1.38
N ASN B 17 18.80 14.00 1.81
CA ASN B 17 18.03 13.48 2.95
C ASN B 17 16.53 13.46 2.74
N CYS B 18 16.08 13.50 1.51
CA CYS B 18 14.67 13.30 1.25
C CYS B 18 14.36 12.75 -0.12
N TRP B 19 13.18 12.20 -0.22
CA TRP B 19 12.67 11.57 -1.41
C TRP B 19 11.77 12.52 -2.16
N TYR B 20 11.94 12.56 -3.48
CA TYR B 20 11.06 13.34 -4.34
C TYR B 20 10.24 12.36 -5.16
N LEU B 21 8.97 12.25 -4.79
CA LEU B 21 8.04 11.29 -5.38
C LEU B 21 7.28 11.97 -6.50
N VAL B 22 7.56 11.57 -7.74
CA VAL B 22 6.90 12.18 -8.90
C VAL B 22 5.64 11.40 -9.29
N ASN B 23 4.62 12.13 -9.71
CA ASN B 23 3.33 11.54 -10.09
C ASN B 23 2.91 12.10 -11.46
N PRO B 24 3.61 11.67 -12.53
CA PRO B 24 3.33 12.20 -13.87
C PRO B 24 1.97 11.77 -14.39
N SER B 25 1.34 12.61 -15.19
CA SER B 25 0.09 12.25 -15.85
C SER B 25 0.35 11.99 -17.34
N ASN B 26 1.57 12.27 -17.79
CA ASN B 26 1.98 12.08 -19.17
C ASN B 26 3.17 11.15 -19.30
N ASP B 27 3.34 10.52 -20.46
CA ASP B 27 4.53 9.71 -20.68
C ASP B 27 5.72 10.64 -20.98
N GLY B 28 6.89 10.05 -21.21
CA GLY B 28 8.07 10.84 -21.54
C GLY B 28 8.95 11.16 -20.35
N VAL B 29 9.81 12.15 -20.51
CA VAL B 29 10.78 12.49 -19.48
C VAL B 29 10.10 13.04 -18.23
N VAL B 30 10.38 12.40 -17.09
CA VAL B 30 9.78 12.78 -15.82
C VAL B 30 10.84 13.34 -14.88
N PHE B 31 12.10 13.04 -15.18
CA PHE B 31 13.22 13.36 -14.31
C PHE B 31 14.47 13.50 -15.14
N SER B 32 15.32 14.48 -14.84
CA SER B 32 16.62 14.54 -15.49
C SER B 32 17.64 15.29 -14.63
N VAL B 33 18.91 14.91 -14.75
CA VAL B 33 20.00 15.59 -14.07
C VAL B 33 21.29 15.39 -14.86
N THR B 34 22.07 16.46 -15.00
CA THR B 34 23.42 16.34 -15.56
C THR B 34 24.34 17.37 -14.92
N ASP B 35 25.63 17.06 -14.89
CA ASP B 35 26.64 18.04 -14.51
C ASP B 35 27.31 18.54 -15.78
N ASN B 36 26.75 18.16 -16.93
CA ASN B 36 27.25 18.54 -18.25
C ASN B 36 28.65 18.04 -18.58
N SER B 37 29.14 17.06 -17.82
CA SER B 37 30.52 16.64 -17.99
C SER B 37 30.75 15.12 -17.83
N THR B 38 30.20 14.53 -16.77
CA THR B 38 30.49 13.15 -16.41
C THR B 38 29.26 12.27 -16.25
N PHE B 39 28.08 12.89 -16.19
CA PHE B 39 26.88 12.11 -15.93
C PHE B 39 25.65 12.84 -16.48
N TRP B 40 24.87 12.09 -17.24
CA TRP B 40 23.56 12.51 -17.71
C TRP B 40 22.60 11.39 -17.41
N MET B 41 21.50 11.70 -16.72
CA MET B 41 20.48 10.69 -16.43
C MET B 41 19.10 11.28 -16.66
N PHE B 42 18.25 10.55 -17.36
CA PHE B 42 16.83 10.91 -17.33
C PHE B 42 16.00 9.66 -17.21
N THR B 43 14.77 9.83 -16.74
CA THR B 43 13.82 8.72 -16.67
C THR B 43 12.68 9.00 -17.62
N TYR B 44 12.37 8.01 -18.44
CA TYR B 44 11.30 8.10 -19.42
C TYR B 44 10.17 7.17 -18.96
N LEU B 45 8.97 7.73 -18.79
CA LEU B 45 7.81 6.92 -18.48
C LEU B 45 7.25 6.34 -19.75
N VAL B 46 7.30 5.01 -19.88
CA VAL B 46 6.75 4.35 -21.05
C VAL B 46 5.40 3.75 -20.68
N LEU B 47 4.37 4.14 -21.43
CA LEU B 47 3.01 3.68 -21.16
C LEU B 47 2.86 2.19 -21.45
N PRO B 48 1.87 1.54 -20.81
CA PRO B 48 1.67 0.12 -21.11
C PRO B 48 1.34 -0.14 -22.58
N ASN B 49 1.66 -1.35 -23.03
CA ASN B 49 1.37 -1.78 -24.39
C ASN B 49 1.94 -0.79 -25.39
N THR B 50 3.17 -0.36 -25.14
CA THR B 50 3.86 0.51 -26.07
C THR B 50 4.75 -0.36 -26.94
N ALA B 51 4.43 -0.41 -28.23
CA ALA B 51 5.22 -1.15 -29.19
C ALA B 51 6.59 -0.51 -29.32
N GLN B 52 7.60 -1.32 -29.64
CA GLN B 52 8.96 -0.78 -29.76
C GLN B 52 8.97 0.37 -30.74
N THR B 53 9.52 1.49 -30.32
CA THR B 53 9.56 2.61 -31.22
C THR B 53 10.82 3.40 -30.89
N ASN B 54 11.43 3.91 -31.95
CA ASN B 54 12.49 4.88 -31.77
C ASN B 54 11.80 6.22 -31.70
N VAL B 55 12.10 7.00 -30.65
CA VAL B 55 11.50 8.31 -30.47
C VAL B 55 12.56 9.38 -30.32
N THR B 56 12.21 10.58 -30.78
CA THR B 56 13.11 11.72 -30.70
C THR B 56 12.74 12.52 -29.46
N VAL B 57 13.73 12.80 -28.62
CA VAL B 57 13.48 13.38 -27.31
C VAL B 57 14.35 14.63 -27.12
N ASN B 58 13.80 15.71 -26.59
CA ASN B 58 14.67 16.82 -26.22
C ASN B 58 14.93 16.79 -24.74
N VAL B 59 16.18 16.59 -24.36
CA VAL B 59 16.44 16.54 -22.94
C VAL B 59 17.85 17.03 -22.61
N MET B 60 17.96 17.82 -21.54
CA MET B 60 19.24 18.33 -21.05
C MET B 60 20.06 18.91 -22.20
N ASN B 61 19.41 19.83 -22.92
CA ASN B 61 20.01 20.64 -23.96
C ASN B 61 20.34 19.89 -25.25
N GLU B 62 19.85 18.66 -25.38
CA GLU B 62 20.09 17.91 -26.61
C GLU B 62 18.82 17.30 -27.21
N THR B 63 18.85 16.99 -28.50
CA THR B 63 17.76 16.23 -29.07
C THR B 63 18.37 14.91 -29.45
N VAL B 64 17.85 13.85 -28.86
CA VAL B 64 18.42 12.53 -29.05
C VAL B 64 17.35 11.51 -29.44
N ASN B 65 17.75 10.47 -30.16
CA ASN B 65 16.85 9.37 -30.49
C ASN B 65 17.06 8.21 -29.54
N ILE B 66 16.00 7.72 -28.93
CA ILE B 66 16.12 6.56 -28.09
C ILE B 66 15.09 5.51 -28.44
N SER B 67 15.41 4.27 -28.12
CA SER B 67 14.52 3.14 -28.28
C SER B 67 13.70 2.95 -27.00
N ILE B 68 12.37 3.01 -27.12
CA ILE B 68 11.52 2.74 -25.98
C ILE B 68 10.63 1.54 -26.28
N ASP B 69 10.22 0.85 -25.22
CA ASP B 69 9.49 -0.40 -25.33
C ASP B 69 8.80 -0.71 -24.02
N ASN B 70 7.56 -1.18 -24.08
CA ASN B 70 6.87 -1.68 -22.88
C ASN B 70 5.72 -2.58 -23.29
N SER B 71 6.04 -3.84 -23.59
CA SER B 71 5.00 -4.85 -23.88
C SER B 71 4.00 -5.08 -22.74
N GLY B 72 4.38 -4.80 -21.50
CA GLY B 72 3.55 -5.12 -20.35
C GLY B 72 2.30 -4.26 -20.15
N SER B 73 1.51 -4.62 -19.14
CA SER B 73 0.26 -3.92 -18.86
C SER B 73 0.46 -2.92 -17.74
N THR B 74 1.67 -2.92 -17.20
CA THR B 74 2.04 -1.94 -16.18
C THR B 74 2.78 -0.78 -16.85
N TYR B 75 2.91 0.32 -16.12
CA TYR B 75 3.75 1.42 -16.54
C TYR B 75 5.20 0.96 -16.44
N ARG B 76 6.11 1.52 -17.24
CA ARG B 76 7.53 1.26 -17.04
C ARG B 76 8.31 2.58 -17.05
N PHE B 77 8.90 2.93 -15.90
CA PHE B 77 9.84 4.03 -15.78
C PHE B 77 11.23 3.54 -16.15
N VAL B 78 11.78 4.02 -17.26
CA VAL B 78 13.08 3.54 -17.72
C VAL B 78 14.15 4.63 -17.59
N ASP B 79 15.25 4.31 -16.91
CA ASP B 79 16.37 5.22 -16.76
C ASP B 79 17.29 5.14 -17.99
N TYR B 80 17.66 6.30 -18.52
CA TYR B 80 18.61 6.41 -19.62
C TYR B 80 19.79 7.24 -19.18
N ILE B 81 20.99 6.72 -19.39
CA ILE B 81 22.20 7.31 -18.84
C ILE B 81 23.34 7.34 -19.88
N LYS B 82 24.14 8.40 -19.81
CA LYS B 82 25.44 8.41 -20.48
C LYS B 82 26.43 9.09 -19.55
N THR B 83 27.72 8.79 -19.71
CA THR B 83 28.74 9.36 -18.84
C THR B 83 29.82 10.09 -19.61
N SER B 84 29.57 10.27 -20.90
CA SER B 84 30.37 11.18 -21.70
C SER B 84 29.48 11.88 -22.70
N SER B 85 29.85 13.09 -23.06
CA SER B 85 28.99 13.93 -23.86
C SER B 85 28.76 13.34 -25.26
N THR B 86 29.75 12.62 -25.77
CA THR B 86 29.69 12.03 -27.12
C THR B 86 28.96 10.70 -27.21
N GLN B 87 28.74 10.07 -26.05
CA GLN B 87 28.18 8.73 -25.98
C GLN B 87 26.66 8.74 -26.20
N ALA B 88 26.12 7.68 -26.78
CA ALA B 88 24.69 7.57 -26.91
C ALA B 88 24.10 7.18 -25.56
N TYR B 89 22.91 7.68 -25.25
CA TYR B 89 22.20 7.24 -24.06
C TYR B 89 21.96 5.74 -24.12
N GLY B 90 22.08 5.08 -22.96
CA GLY B 90 21.77 3.68 -22.84
C GLY B 90 20.84 3.46 -21.68
N SER B 91 19.85 2.61 -21.87
CA SER B 91 18.93 2.28 -20.80
C SER B 91 19.65 1.52 -19.70
N ARG B 92 19.21 1.72 -18.47
CA ARG B 92 19.81 1.07 -17.32
C ARG B 92 18.71 0.43 -16.49
N ASN B 93 18.51 0.89 -15.27
CA ASN B 93 17.44 0.29 -14.49
C ASN B 93 16.06 0.81 -14.87
N TYR B 94 15.04 0.11 -14.42
CA TYR B 94 13.67 0.47 -14.73
C TYR B 94 12.76 0.00 -13.62
N LEU B 95 11.53 0.49 -13.63
CA LEU B 95 10.52 0.12 -12.66
C LEU B 95 9.20 -0.25 -13.34
N ASN B 96 8.80 -1.51 -13.23
CA ASN B 96 7.47 -1.95 -13.67
C ASN B 96 6.45 -1.76 -12.55
N THR B 97 5.44 -0.96 -12.80
CA THR B 97 4.51 -0.57 -11.73
C THR B 97 3.10 -0.27 -12.25
N ALA B 98 2.11 -0.61 -11.44
CA ALA B 98 0.72 -0.32 -11.75
C ALA B 98 0.39 1.16 -11.50
N HIS B 99 1.34 1.87 -10.88
CA HIS B 99 1.09 3.27 -10.51
C HIS B 99 2.05 4.22 -11.21
N ARG B 100 1.58 5.42 -11.50
CA ARG B 100 2.46 6.42 -12.11
C ARG B 100 3.28 7.11 -11.02
N LEU B 101 4.09 6.34 -10.29
CA LEU B 101 4.89 6.83 -9.18
C LEU B 101 6.32 6.31 -9.22
N GLN B 102 7.28 7.23 -9.15
CA GLN B 102 8.69 6.91 -9.04
C GLN B 102 9.28 7.94 -8.07
N ALA B 103 10.36 7.62 -7.38
CA ALA B 103 10.90 8.56 -6.41
C ALA B 103 12.41 8.63 -6.50
N TYR B 104 12.95 9.81 -6.21
CA TYR B 104 14.37 10.11 -6.36
C TYR B 104 14.98 10.72 -5.10
N ARG B 105 16.22 10.36 -4.83
CA ARG B 105 16.95 10.91 -3.71
C ARG B 105 18.40 11.17 -4.12
N ARG B 106 18.96 12.28 -3.67
CA ARG B 106 20.40 12.51 -3.87
C ARG B 106 21.14 12.49 -2.52
N ASP B 107 22.18 11.66 -2.38
CA ASP B 107 22.84 11.52 -1.09
C ASP B 107 23.87 12.65 -0.88
N GLY B 108 24.60 12.60 0.24
CA GLY B 108 25.52 13.66 0.60
C GLY B 108 26.69 13.91 -0.33
N ASP B 109 27.04 12.94 -1.16
CA ASP B 109 28.12 13.11 -2.12
C ASP B 109 27.62 13.40 -3.53
N GLY B 110 26.30 13.44 -3.67
CA GLY B 110 25.71 13.80 -4.94
C GLY B 110 25.22 12.66 -5.82
N ASN B 111 25.18 11.44 -5.28
CA ASN B 111 24.68 10.29 -6.06
C ASN B 111 23.17 10.19 -6.06
N ILE B 112 22.62 9.84 -7.22
CA ILE B 112 21.18 9.65 -7.39
C ILE B 112 20.75 8.24 -7.04
N SER B 113 19.70 8.13 -6.23
CA SER B 113 19.02 6.88 -5.95
C SER B 113 17.56 6.94 -6.42
N ASN B 114 17.01 5.81 -6.85
CA ASN B 114 15.59 5.69 -7.19
C ASN B 114 15.17 4.23 -7.07
N TYR B 115 13.89 3.98 -7.34
CA TYR B 115 13.34 2.63 -7.15
C TYR B 115 13.48 1.80 -8.42
N TRP B 116 14.04 0.61 -8.26
CA TRP B 116 14.27 -0.31 -9.38
C TRP B 116 13.48 -1.59 -9.16
N GLY B 117 12.96 -2.17 -10.23
CA GLY B 117 12.33 -3.46 -10.12
C GLY B 117 11.50 -3.90 -11.30
N ALA B 118 11.57 -5.20 -11.58
CA ALA B 118 10.72 -5.81 -12.60
C ALA B 118 9.29 -5.94 -12.09
N ASP B 119 9.11 -5.75 -10.79
CA ASP B 119 7.79 -5.64 -10.19
C ASP B 119 7.91 -4.75 -8.95
N THR B 120 6.80 -4.41 -8.33
CA THR B 120 6.84 -3.58 -7.12
C THR B 120 6.60 -4.38 -5.85
N GLN B 121 6.85 -5.68 -5.92
CA GLN B 121 6.82 -6.51 -4.72
C GLN B 121 8.19 -7.09 -4.44
N GLY B 122 8.37 -8.38 -4.64
CA GLY B 122 9.61 -9.03 -4.26
C GLY B 122 10.87 -8.47 -4.93
N ASP B 123 10.72 -7.91 -6.12
CA ASP B 123 11.89 -7.43 -6.86
C ASP B 123 12.20 -5.96 -6.61
N LEU B 124 11.34 -5.26 -5.88
CA LEU B 124 11.49 -3.82 -5.66
C LEU B 124 12.67 -3.50 -4.76
N ARG B 125 13.51 -2.57 -5.19
CA ARG B 125 14.60 -2.10 -4.34
C ARG B 125 15.01 -0.68 -4.71
N VAL B 126 15.60 0.01 -3.74
CA VAL B 126 16.22 1.28 -4.02
C VAL B 126 17.63 1.05 -4.52
N GLY B 127 17.89 1.52 -5.73
CA GLY B 127 19.21 1.42 -6.32
C GLY B 127 19.90 2.78 -6.36
N THR B 128 21.22 2.76 -6.40
CA THR B 128 22.00 3.98 -6.47
C THR B 128 22.92 3.94 -7.68
N TYR B 129 22.95 5.02 -8.44
CA TYR B 129 23.93 5.15 -9.51
C TYR B 129 25.21 5.78 -8.96
N SER B 130 26.34 5.10 -9.11
CA SER B 130 27.61 5.55 -8.57
C SER B 130 28.21 6.61 -9.50
N ASN B 131 27.55 7.76 -9.54
CA ASN B 131 27.92 8.86 -10.42
C ASN B 131 27.62 10.16 -9.74
N PRO B 132 28.58 10.70 -8.98
CA PRO B 132 28.25 11.87 -8.16
C PRO B 132 27.96 13.11 -8.99
N VAL B 133 26.85 13.76 -8.70
CA VAL B 133 26.50 15.03 -9.33
C VAL B 133 26.09 16.06 -8.27
N PRO B 134 27.02 16.39 -7.35
CA PRO B 134 26.68 17.34 -6.27
C PRO B 134 26.34 18.72 -6.82
N ASN B 135 25.33 19.34 -6.25
CA ASN B 135 24.87 20.65 -6.71
C ASN B 135 24.40 20.80 -8.16
N ALA B 136 24.27 19.68 -8.86
CA ALA B 136 23.73 19.75 -10.21
C ALA B 136 22.25 20.08 -10.11
N VAL B 137 21.71 20.78 -11.09
CA VAL B 137 20.28 21.06 -11.15
C VAL B 137 19.52 19.78 -11.46
N ILE B 138 18.48 19.51 -10.68
CA ILE B 138 17.60 18.38 -10.93
C ILE B 138 16.26 18.89 -11.45
N ASN B 139 15.81 18.32 -12.56
CA ASN B 139 14.55 18.68 -13.20
C ASN B 139 13.50 17.61 -12.89
N LEU B 140 12.52 17.97 -12.07
CA LEU B 140 11.37 17.11 -11.80
C LEU B 140 10.24 17.54 -12.71
N ASN B 141 10.00 16.77 -13.76
CA ASN B 141 9.05 17.17 -14.79
C ASN B 141 7.70 16.50 -14.57
N ALA B 142 7.20 16.68 -13.36
CA ALA B 142 5.92 16.12 -12.95
C ALA B 142 5.52 16.78 -11.64
N ASP B 143 4.24 16.74 -11.32
CA ASP B 143 3.81 17.06 -9.98
C ASP B 143 4.55 16.12 -9.03
N PHE B 144 4.98 16.62 -7.88
CA PHE B 144 5.74 15.78 -6.98
C PHE B 144 5.48 16.07 -5.51
N TYR B 145 5.90 15.13 -4.68
CA TYR B 145 5.78 15.23 -3.24
C TYR B 145 7.15 15.07 -2.62
N VAL B 146 7.34 15.62 -1.43
CA VAL B 146 8.63 15.55 -0.76
C VAL B 146 8.49 14.74 0.54
N ILE B 147 9.25 13.66 0.65
CA ILE B 147 9.15 12.77 1.79
C ILE B 147 10.49 12.68 2.52
N PRO B 148 10.55 13.17 3.77
CA PRO B 148 11.79 13.11 4.55
C PRO B 148 12.32 11.68 4.70
N ASP B 149 13.63 11.58 4.90
CA ASP B 149 14.30 10.28 5.06
C ASP B 149 13.66 9.44 6.14
N SER B 150 13.23 10.09 7.22
CA SER B 150 12.61 9.39 8.34
C SER B 150 11.32 8.69 7.94
N GLN B 151 10.75 9.10 6.80
CA GLN B 151 9.51 8.52 6.31
C GLN B 151 9.74 7.72 5.03
N GLN B 152 10.95 7.15 4.90
CA GLN B 152 11.29 6.41 3.70
C GLN B 152 10.32 5.23 3.48
N GLU B 153 9.87 4.58 4.54
CA GLU B 153 8.94 3.46 4.37
C GLU B 153 7.59 3.93 3.80
N THR B 154 7.20 5.16 4.15
CA THR B 154 6.01 5.75 3.56
C THR B 154 6.20 5.92 2.05
N CYS B 155 7.38 6.35 1.63
CA CYS B 155 7.67 6.47 0.20
C CYS B 155 7.51 5.12 -0.49
N THR B 156 8.13 4.11 0.10
CA THR B 156 8.07 2.77 -0.46
C THR B 156 6.63 2.27 -0.58
N GLU B 157 5.82 2.54 0.44
CA GLU B 157 4.42 2.10 0.40
C GLU B 157 3.67 2.74 -0.76
N TYR B 158 3.96 4.00 -1.06
CA TYR B 158 3.33 4.66 -2.19
C TYR B 158 3.77 4.04 -3.50
N ILE B 159 5.06 3.75 -3.61
CA ILE B 159 5.59 3.14 -4.82
C ILE B 159 4.89 1.80 -5.08
N ARG B 160 4.62 1.02 -4.02
CA ARG B 160 3.94 -0.26 -4.18
C ARG B 160 2.43 -0.16 -4.42
N GLY B 161 1.78 0.76 -3.72
CA GLY B 161 0.33 0.73 -3.63
C GLY B 161 -0.41 1.98 -4.08
N GLY B 162 0.31 3.01 -4.53
CA GLY B 162 -0.31 4.24 -4.96
C GLY B 162 -0.53 5.22 -3.82
N LEU B 163 -0.94 6.44 -4.16
CA LEU B 163 -1.19 7.48 -3.17
C LEU B 163 -2.40 7.19 -2.28
N GLY C 1 -5.58 7.03 -6.69
CA GLY C 1 -5.16 7.12 -5.30
C GLY C 1 -6.31 6.91 -4.35
N SER C 2 -5.99 6.80 -3.06
CA SER C 2 -6.98 6.57 -2.03
C SER C 2 -7.94 7.77 -1.96
N LEU C 3 -7.39 8.97 -1.79
CA LEU C 3 -8.20 10.18 -1.91
C LEU C 3 -8.56 10.41 -3.38
N ASP C 4 -9.85 10.53 -3.68
CA ASP C 4 -10.32 10.63 -5.05
C ASP C 4 -10.38 12.09 -5.47
N GLY C 5 -9.37 12.54 -6.21
CA GLY C 5 -9.26 13.92 -6.62
C GLY C 5 -7.79 14.31 -6.65
N PRO C 6 -7.49 15.61 -6.85
CA PRO C 6 -8.46 16.69 -6.99
C PRO C 6 -9.05 16.80 -8.39
N TYR C 7 -10.30 17.25 -8.43
CA TYR C 7 -11.00 17.55 -9.66
C TYR C 7 -11.09 19.05 -9.85
N ALA C 8 -10.94 19.52 -11.07
CA ALA C 8 -11.07 20.94 -11.36
C ALA C 8 -12.50 21.40 -11.04
N PRO C 9 -12.66 22.70 -10.76
CA PRO C 9 -14.00 23.25 -10.51
C PRO C 9 -15.00 22.81 -11.57
N ASP C 10 -16.20 22.46 -11.14
CA ASP C 10 -17.18 21.90 -12.06
C ASP C 10 -18.59 22.25 -11.61
N SER C 11 -19.50 22.34 -12.57
CA SER C 11 -20.91 22.50 -12.27
C SER C 11 -21.65 21.31 -12.84
N SER C 12 -22.47 20.67 -12.02
CA SER C 12 -23.10 19.44 -12.45
C SER C 12 -24.25 19.07 -11.52
N ASN C 13 -25.21 18.32 -12.03
CA ASN C 13 -26.21 17.68 -11.18
C ASN C 13 -25.55 16.49 -10.48
N LEU C 14 -24.92 16.76 -9.35
CA LEU C 14 -24.06 15.79 -8.66
C LEU C 14 -24.83 14.68 -7.94
N PRO C 15 -24.26 13.46 -7.92
CA PRO C 15 -24.86 12.32 -7.20
C PRO C 15 -24.98 12.55 -5.70
N SER C 16 -25.90 11.81 -5.07
CA SER C 16 -26.16 11.92 -3.64
C SER C 16 -25.22 11.10 -2.78
N ASN C 17 -25.29 11.35 -1.47
CA ASN C 17 -24.59 10.55 -0.47
C ASN C 17 -23.10 10.31 -0.68
N CYS C 18 -22.44 11.37 -1.11
CA CYS C 18 -20.99 11.40 -1.06
C CYS C 18 -20.62 12.84 -0.76
N TRP C 19 -19.42 13.01 -0.24
CA TRP C 19 -18.95 14.31 0.19
C TRP C 19 -18.09 14.94 -0.89
N TYR C 20 -18.35 16.21 -1.17
CA TYR C 20 -17.53 16.96 -2.10
C TYR C 20 -16.74 17.95 -1.29
N LEU C 21 -15.46 17.64 -1.13
CA LEU C 21 -14.56 18.41 -0.30
C LEU C 21 -13.88 19.44 -1.17
N VAL C 22 -14.22 20.72 -1.00
CA VAL C 22 -13.62 21.79 -1.80
C VAL C 22 -12.40 22.37 -1.12
N ASN C 23 -11.39 22.71 -1.92
CA ASN C 23 -10.15 23.27 -1.40
C ASN C 23 -9.78 24.52 -2.18
N PRO C 24 -10.54 25.61 -1.96
CA PRO C 24 -10.29 26.83 -2.71
C PRO C 24 -8.95 27.43 -2.33
N SER C 25 -8.31 28.13 -3.26
CA SER C 25 -7.11 28.85 -2.91
C SER C 25 -7.42 30.36 -2.82
N ASN C 26 -8.61 30.76 -3.23
CA ASN C 26 -9.01 32.18 -3.20
C ASN C 26 -10.28 32.42 -2.41
N ASP C 27 -10.47 33.65 -1.94
CA ASP C 27 -11.70 33.97 -1.21
C ASP C 27 -12.86 34.12 -2.19
N GLY C 28 -14.05 34.39 -1.65
CA GLY C 28 -15.24 34.55 -2.46
C GLY C 28 -16.06 33.27 -2.55
N VAL C 29 -16.94 33.23 -3.54
CA VAL C 29 -17.88 32.12 -3.69
C VAL C 29 -17.18 30.82 -4.03
N VAL C 30 -17.42 29.79 -3.24
CA VAL C 30 -16.78 28.49 -3.42
C VAL C 30 -17.80 27.41 -3.80
N PHE C 31 -19.08 27.70 -3.56
CA PHE C 31 -20.15 26.72 -3.72
C PHE C 31 -21.47 27.46 -3.98
N SER C 32 -22.30 26.93 -4.87
CA SER C 32 -23.65 27.47 -5.01
C SER C 32 -24.60 26.41 -5.59
N VAL C 33 -25.86 26.49 -5.21
CA VAL C 33 -26.88 25.61 -5.76
C VAL C 33 -28.25 26.28 -5.69
N THR C 34 -29.02 26.19 -6.76
CA THR C 34 -30.40 26.62 -6.71
C THR C 34 -31.25 25.76 -7.63
N ASP C 35 -32.54 25.62 -7.29
CA ASP C 35 -33.48 24.98 -8.20
C ASP C 35 -34.29 26.06 -8.94
N ASN C 36 -33.88 27.32 -8.76
CA ASN C 36 -34.53 28.46 -9.40
C ASN C 36 -35.98 28.64 -8.98
N SER C 37 -36.38 28.02 -7.87
CA SER C 37 -37.77 28.03 -7.44
C SER C 37 -37.99 28.18 -5.95
N THR C 38 -37.26 27.39 -5.16
CA THR C 38 -37.55 27.33 -3.73
C THR C 38 -36.34 27.57 -2.83
N PHE C 39 -35.14 27.52 -3.40
CA PHE C 39 -33.92 27.56 -2.59
C PHE C 39 -32.75 28.07 -3.40
N TRP C 40 -32.05 29.06 -2.83
CA TRP C 40 -30.80 29.57 -3.38
C TRP C 40 -29.78 29.55 -2.25
N MET C 41 -28.64 28.89 -2.48
CA MET C 41 -27.60 28.82 -1.47
C MET C 41 -26.22 29.04 -2.08
N PHE C 42 -25.41 29.89 -1.46
CA PHE C 42 -23.99 29.87 -1.81
C PHE C 42 -23.12 30.04 -0.58
N THR C 43 -21.86 29.63 -0.69
CA THR C 43 -20.92 29.81 0.39
C THR C 43 -19.81 30.74 -0.06
N TYR C 44 -19.53 31.74 0.76
CA TYR C 44 -18.49 32.72 0.50
C TYR C 44 -17.34 32.49 1.46
N LEU C 45 -16.15 32.31 0.94
CA LEU C 45 -14.97 32.21 1.80
C LEU C 45 -14.48 33.61 2.17
N VAL C 46 -14.56 33.92 3.46
CA VAL C 46 -14.13 35.21 3.97
C VAL C 46 -12.76 35.08 4.63
N LEU C 47 -11.82 35.93 4.22
CA LEU C 47 -10.48 35.91 4.78
C LEU C 47 -10.51 36.38 6.24
N PRO C 48 -9.56 35.91 7.05
CA PRO C 48 -9.43 36.44 8.42
C PRO C 48 -9.14 37.95 8.41
N ASN C 49 -9.46 38.60 9.51
CA ASN C 49 -9.22 40.04 9.68
C ASN C 49 -9.91 40.87 8.59
N THR C 50 -11.12 40.48 8.26
CA THR C 50 -11.93 41.24 7.32
C THR C 50 -12.94 42.07 8.08
N ALA C 51 -12.78 43.39 8.03
CA ALA C 51 -13.75 44.29 8.62
C ALA C 51 -15.05 44.16 7.83
N GLN C 52 -16.18 44.47 8.46
CA GLN C 52 -17.46 44.34 7.76
C GLN C 52 -17.41 45.14 6.47
N THR C 53 -17.83 44.49 5.40
CA THR C 53 -17.79 45.09 4.07
C THR C 53 -18.98 44.63 3.26
N ASN C 54 -19.50 45.53 2.46
CA ASN C 54 -20.47 45.14 1.46
C ASN C 54 -19.77 44.79 0.16
N VAL C 55 -20.02 43.59 -0.33
CA VAL C 55 -19.39 43.15 -1.56
C VAL C 55 -20.43 42.71 -2.57
N THR C 56 -20.10 42.90 -3.84
CA THR C 56 -20.96 42.51 -4.94
C THR C 56 -20.52 41.16 -5.47
N VAL C 57 -21.49 40.27 -5.61
CA VAL C 57 -21.21 38.90 -5.95
C VAL C 57 -22.05 38.48 -7.15
N ASN C 58 -21.44 37.76 -8.11
CA ASN C 58 -22.22 37.18 -9.18
C ASN C 58 -22.44 35.71 -8.90
N VAL C 59 -23.70 35.35 -8.67
CA VAL C 59 -24.02 33.97 -8.32
C VAL C 59 -25.36 33.59 -8.91
N MET C 60 -25.41 32.38 -9.46
CA MET C 60 -26.64 31.79 -9.95
C MET C 60 -27.42 32.75 -10.84
N ASN C 61 -26.71 33.34 -11.80
CA ASN C 61 -27.29 34.18 -12.85
C ASN C 61 -27.83 35.52 -12.37
N GLU C 62 -27.52 35.89 -11.14
CA GLU C 62 -27.89 37.20 -10.64
C GLU C 62 -26.68 37.88 -10.03
N THR C 63 -26.78 39.17 -9.80
CA THR C 63 -25.75 39.93 -9.11
C THR C 63 -26.30 40.55 -7.83
N VAL C 64 -25.71 40.25 -6.69
CA VAL C 64 -26.24 40.75 -5.42
C VAL C 64 -25.16 41.37 -4.52
N ASN C 65 -25.60 42.26 -3.64
CA ASN C 65 -24.74 42.80 -2.61
C ASN C 65 -24.99 42.02 -1.34
N ILE C 66 -23.91 41.57 -0.71
CA ILE C 66 -24.03 40.94 0.61
C ILE C 66 -23.04 41.58 1.57
N SER C 67 -23.36 41.50 2.84
CA SER C 67 -22.44 41.94 3.88
C SER C 67 -21.58 40.76 4.33
N ILE C 68 -20.26 40.96 4.31
CA ILE C 68 -19.32 39.98 4.86
C ILE C 68 -18.52 40.58 6.01
N ASP C 69 -18.06 39.72 6.91
CA ASP C 69 -17.27 40.16 8.05
C ASP C 69 -16.56 38.95 8.63
N ASN C 70 -15.30 39.16 9.01
CA ASN C 70 -14.53 38.14 9.73
C ASN C 70 -13.35 38.80 10.44
N SER C 71 -13.66 39.43 11.57
CA SER C 71 -12.67 40.04 12.47
C SER C 71 -11.70 39.02 13.07
N GLY C 72 -12.10 37.75 13.10
CA GLY C 72 -11.33 36.68 13.73
C GLY C 72 -10.07 36.30 12.95
N SER C 73 -9.29 35.34 13.45
CA SER C 73 -8.00 35.03 12.81
C SER C 73 -8.05 33.81 11.92
N THR C 74 -9.19 33.15 11.85
CA THR C 74 -9.39 32.00 10.95
C THR C 74 -10.18 32.38 9.70
N TYR C 75 -10.16 31.49 8.70
CA TYR C 75 -11.05 31.62 7.56
C TYR C 75 -12.48 31.41 8.00
N ARG C 76 -13.43 31.99 7.26
CA ARG C 76 -14.84 31.70 7.49
C ARG C 76 -15.54 31.34 6.19
N PHE C 77 -16.03 30.11 6.10
CA PHE C 77 -16.93 29.73 5.04
C PHE C 77 -18.33 30.10 5.49
N VAL C 78 -18.92 31.12 4.88
CA VAL C 78 -20.22 31.62 5.31
C VAL C 78 -21.29 31.26 4.30
N ASP C 79 -22.35 30.62 4.76
CA ASP C 79 -23.47 30.28 3.90
C ASP C 79 -24.44 31.45 3.76
N TYR C 80 -24.87 31.72 2.52
CA TYR C 80 -25.88 32.72 2.25
C TYR C 80 -27.04 32.05 1.54
N ILE C 81 -28.24 32.29 2.04
CA ILE C 81 -29.45 31.58 1.59
C ILE C 81 -30.63 32.52 1.42
N LYS C 82 -31.45 32.25 0.41
CA LYS C 82 -32.78 32.83 0.32
C LYS C 82 -33.75 31.76 -0.18
N THR C 83 -35.04 31.92 0.09
CA THR C 83 -36.03 30.92 -0.32
C THR C 83 -37.13 31.52 -1.21
N SER C 84 -36.93 32.75 -1.68
CA SER C 84 -37.75 33.30 -2.75
C SER C 84 -36.85 34.15 -3.62
N SER C 85 -37.22 34.30 -4.89
CA SER C 85 -36.37 35.01 -5.85
C SER C 85 -36.27 36.50 -5.51
N THR C 86 -37.35 37.04 -4.95
CA THR C 86 -37.43 38.48 -4.65
C THR C 86 -36.77 38.82 -3.31
N GLN C 87 -36.49 37.79 -2.52
CA GLN C 87 -35.97 37.95 -1.17
C GLN C 87 -34.46 38.24 -1.24
N ALA C 88 -33.95 38.98 -0.26
CA ALA C 88 -32.50 39.19 -0.14
C ALA C 88 -31.80 37.95 0.47
N TYR C 89 -30.58 37.66 0.03
CA TYR C 89 -29.76 36.64 0.68
C TYR C 89 -29.46 37.04 2.12
N GLY C 90 -29.49 36.09 3.04
CA GLY C 90 -29.09 36.32 4.41
C GLY C 90 -28.11 35.24 4.86
N SER C 91 -27.08 35.61 5.61
CA SER C 91 -26.13 34.60 6.07
C SER C 91 -26.83 33.65 7.02
N ARG C 92 -26.35 32.42 7.04
CA ARG C 92 -26.90 31.38 7.89
C ARG C 92 -25.75 30.72 8.67
N ASN C 93 -25.53 29.44 8.44
CA ASN C 93 -24.42 28.80 9.13
C ASN C 93 -23.07 29.12 8.49
N TYR C 94 -22.01 28.80 9.23
CA TYR C 94 -20.65 29.08 8.80
C TYR C 94 -19.67 28.13 9.45
N LEU C 95 -18.45 28.14 8.93
CA LEU C 95 -17.38 27.32 9.45
C LEU C 95 -16.14 28.19 9.64
N ASN C 96 -15.75 28.39 10.89
CA ASN C 96 -14.52 29.11 11.20
C ASN C 96 -13.38 28.11 11.26
N THR C 97 -12.40 28.25 10.35
CA THR C 97 -11.41 27.19 10.21
C THR C 97 -10.06 27.72 9.74
N ALA C 98 -9.00 27.10 10.22
CA ALA C 98 -7.64 27.45 9.81
C ALA C 98 -7.29 26.89 8.43
N HIS C 99 -8.14 26.01 7.91
CA HIS C 99 -7.91 25.38 6.61
C HIS C 99 -8.95 25.82 5.62
N ARG C 100 -8.52 25.98 4.38
CA ARG C 100 -9.42 26.33 3.29
C ARG C 100 -10.09 25.06 2.76
N LEU C 101 -10.84 24.41 3.67
CA LEU C 101 -11.51 23.16 3.38
C LEU C 101 -12.93 23.19 3.92
N GLN C 102 -13.89 22.88 3.06
CA GLN C 102 -15.29 22.74 3.43
C GLN C 102 -15.83 21.57 2.60
N ALA C 103 -16.88 20.91 3.08
CA ALA C 103 -17.40 19.78 2.31
C ALA C 103 -18.92 19.82 2.26
N TYR C 104 -19.46 19.33 1.16
CA TYR C 104 -20.90 19.34 0.87
C TYR C 104 -21.41 17.96 0.48
N ARG C 105 -22.63 17.64 0.90
CA ARG C 105 -23.31 16.41 0.53
C ARG C 105 -24.75 16.73 0.21
N ARG C 106 -25.31 16.09 -0.82
CA ARG C 106 -26.75 16.20 -1.04
C ARG C 106 -27.36 14.83 -0.75
N ASP C 107 -28.32 14.78 0.15
CA ASP C 107 -28.82 13.48 0.59
C ASP C 107 -29.87 12.95 -0.37
N GLY C 108 -30.47 11.81 -0.03
CA GLY C 108 -31.44 11.15 -0.88
C GLY C 108 -32.71 11.96 -1.13
N ASP C 109 -32.97 12.95 -0.29
CA ASP C 109 -34.14 13.80 -0.46
C ASP C 109 -33.79 15.15 -1.09
N GLY C 110 -32.50 15.34 -1.36
CA GLY C 110 -32.05 16.54 -2.05
C GLY C 110 -31.61 17.66 -1.12
N ASN C 111 -31.49 17.36 0.17
CA ASN C 111 -31.02 18.37 1.12
C ASN C 111 -29.51 18.47 1.16
N ILE C 112 -29.02 19.71 1.29
CA ILE C 112 -27.59 19.99 1.39
C ILE C 112 -27.08 19.90 2.83
N SER C 113 -25.98 19.17 3.01
CA SER C 113 -25.26 19.15 4.28
C SER C 113 -23.87 19.74 4.09
N ASN C 114 -23.36 20.41 5.11
CA ASN C 114 -21.98 20.87 5.11
C ASN C 114 -21.52 21.04 6.55
N TYR C 115 -20.25 21.36 6.75
CA TYR C 115 -19.71 21.40 8.11
C TYR C 115 -19.93 22.79 8.69
N TRP C 116 -20.48 22.83 9.91
CA TRP C 116 -20.77 24.08 10.59
C TRP C 116 -19.98 24.15 11.89
N GLY C 117 -19.51 25.33 12.26
CA GLY C 117 -18.89 25.47 13.56
C GLY C 117 -18.15 26.78 13.78
N ALA C 118 -18.19 27.25 15.02
CA ALA C 118 -17.41 28.41 15.43
C ALA C 118 -15.93 28.02 15.57
N ASP C 119 -15.68 26.71 15.60
CA ASP C 119 -14.33 26.17 15.56
C ASP C 119 -14.42 24.79 14.90
N THR C 120 -13.26 24.18 14.63
CA THR C 120 -13.25 22.86 14.02
C THR C 120 -12.87 21.82 15.05
N GLN C 121 -13.14 22.14 16.31
CA GLN C 121 -12.89 21.21 17.40
C GLN C 121 -14.22 20.77 18.03
N GLY C 122 -14.45 21.20 19.27
CA GLY C 122 -15.62 20.79 20.03
C GLY C 122 -16.96 21.22 19.43
N ASP C 123 -16.95 22.30 18.65
CA ASP C 123 -18.19 22.86 18.11
C ASP C 123 -18.54 22.34 16.72
N LEU C 124 -17.63 21.58 16.13
CA LEU C 124 -17.81 21.16 14.75
C LEU C 124 -18.97 20.19 14.63
N ARG C 125 -19.86 20.42 13.66
CA ARG C 125 -20.94 19.47 13.42
C ARG C 125 -21.31 19.42 11.95
N VAL C 126 -21.93 18.30 11.56
CA VAL C 126 -22.48 18.17 10.23
C VAL C 126 -23.91 18.69 10.25
N GLY C 127 -24.17 19.76 9.53
CA GLY C 127 -25.50 20.34 9.49
C GLY C 127 -26.23 20.03 8.21
N THR C 128 -27.55 20.08 8.25
CA THR C 128 -28.36 19.90 7.07
C THR C 128 -29.38 21.02 6.97
N TYR C 129 -29.48 21.62 5.78
CA TYR C 129 -30.54 22.58 5.50
C TYR C 129 -31.76 21.86 4.97
N SER C 130 -32.91 22.08 5.62
CA SER C 130 -34.15 21.42 5.22
C SER C 130 -34.79 22.14 4.04
N ASN C 131 -34.13 22.06 2.90
CA ASN C 131 -34.57 22.71 1.68
C ASN C 131 -34.20 21.82 0.51
N PRO C 132 -35.09 20.86 0.16
CA PRO C 132 -34.71 19.85 -0.83
C PRO C 132 -34.56 20.44 -2.23
N VAL C 133 -33.42 20.19 -2.85
CA VAL C 133 -33.16 20.60 -4.23
C VAL C 133 -32.52 19.41 -4.96
N PRO C 134 -33.26 18.30 -5.09
CA PRO C 134 -32.69 17.04 -5.55
C PRO C 134 -32.07 17.05 -6.94
N ASN C 135 -32.62 17.82 -7.87
CA ASN C 135 -32.13 17.72 -9.24
C ASN C 135 -31.32 18.93 -9.67
N ALA C 136 -31.08 19.83 -8.73
CA ALA C 136 -30.40 21.09 -9.05
C ALA C 136 -28.92 20.91 -9.41
N VAL C 137 -28.47 21.79 -10.30
CA VAL C 137 -27.05 21.87 -10.66
C VAL C 137 -26.32 22.45 -9.47
N ILE C 138 -25.22 21.79 -9.09
CA ILE C 138 -24.36 22.27 -8.02
C ILE C 138 -23.06 22.79 -8.61
N ASN C 139 -22.70 24.01 -8.23
CA ASN C 139 -21.48 24.64 -8.70
C ASN C 139 -20.39 24.57 -7.62
N LEU C 140 -19.38 23.75 -7.86
CA LEU C 140 -18.21 23.66 -7.03
C LEU C 140 -17.13 24.53 -7.63
N ASN C 141 -16.89 25.70 -7.04
CA ASN C 141 -15.97 26.67 -7.61
C ASN C 141 -14.58 26.59 -6.97
N ALA C 142 -14.04 25.37 -6.93
CA ALA C 142 -12.73 25.12 -6.38
C ALA C 142 -12.34 23.72 -6.77
N ASP C 143 -11.05 23.42 -6.71
CA ASP C 143 -10.61 22.04 -6.80
C ASP C 143 -11.34 21.24 -5.72
N PHE C 144 -11.73 20.01 -6.03
CA PHE C 144 -12.44 19.23 -5.02
C PHE C 144 -12.12 17.76 -5.05
N TYR C 145 -12.50 17.08 -3.97
CA TYR C 145 -12.31 15.67 -3.82
C TYR C 145 -13.65 15.02 -3.56
N VAL C 146 -13.76 13.74 -3.89
CA VAL C 146 -15.01 13.00 -3.66
C VAL C 146 -14.79 11.91 -2.63
N ILE C 147 -15.53 11.98 -1.54
CA ILE C 147 -15.37 11.05 -0.44
C ILE C 147 -16.68 10.32 -0.18
N PRO C 148 -16.67 8.98 -0.30
CA PRO C 148 -17.91 8.25 -0.05
C PRO C 148 -18.45 8.54 1.35
N ASP C 149 -19.77 8.46 1.47
CA ASP C 149 -20.44 8.70 2.74
C ASP C 149 -19.89 7.76 3.82
N SER C 150 -19.50 6.55 3.43
CA SER C 150 -18.97 5.58 4.39
C SER C 150 -17.65 6.04 5.01
N GLN C 151 -16.99 7.00 4.36
CA GLN C 151 -15.71 7.51 4.84
C GLN C 151 -15.86 8.92 5.38
N GLN C 152 -17.05 9.24 5.88
CA GLN C 152 -17.28 10.60 6.38
C GLN C 152 -16.33 10.97 7.52
N GLU C 153 -15.93 10.02 8.36
CA GLU C 153 -14.99 10.35 9.43
C GLU C 153 -13.67 10.82 8.83
N THR C 154 -13.31 10.26 7.68
CA THR C 154 -12.12 10.68 6.97
C THR C 154 -12.27 12.13 6.49
N CYS C 155 -13.47 12.46 5.98
CA CYS C 155 -13.76 13.81 5.56
C CYS C 155 -13.62 14.77 6.74
N THR C 156 -14.18 14.38 7.87
CA THR C 156 -14.09 15.17 9.10
C THR C 156 -12.64 15.42 9.49
N GLU C 157 -11.79 14.40 9.34
CA GLU C 157 -10.37 14.53 9.66
C GLU C 157 -9.70 15.61 8.80
N TYR C 158 -10.07 15.63 7.52
CA TYR C 158 -9.55 16.65 6.61
C TYR C 158 -10.02 18.04 7.02
N ILE C 159 -11.31 18.14 7.34
CA ILE C 159 -11.88 19.42 7.76
C ILE C 159 -11.13 19.98 8.98
N ARG C 160 -10.79 19.10 9.93
CA ARG C 160 -10.07 19.53 11.12
C ARG C 160 -8.59 19.80 10.88
N GLY C 161 -7.95 18.95 10.06
CA GLY C 161 -6.50 18.96 10.03
C GLY C 161 -5.81 19.18 8.71
N GLY C 162 -6.57 19.40 7.65
CA GLY C 162 -6.01 19.59 6.31
C GLY C 162 -5.79 18.29 5.56
N LEU C 163 -5.50 18.40 4.27
CA LEU C 163 -5.23 17.24 3.43
C LEU C 163 -3.90 16.59 3.78
N GLY D 1 0.28 3.72 40.72
CA GLY D 1 0.78 2.41 41.12
C GLY D 1 2.00 1.99 40.33
N SER D 2 2.62 0.90 40.75
CA SER D 2 3.79 0.38 40.07
C SER D 2 3.47 -0.20 38.70
N LEU D 3 4.44 -0.08 37.79
CA LEU D 3 4.31 -0.67 36.47
C LEU D 3 4.20 -2.19 36.59
N ASP D 4 3.17 -2.73 35.95
CA ASP D 4 2.80 -4.14 36.04
C ASP D 4 3.58 -4.98 35.04
N GLY D 5 4.62 -5.65 35.52
CA GLY D 5 5.50 -6.45 34.68
C GLY D 5 6.91 -6.44 35.23
N PRO D 6 7.88 -6.99 34.48
CA PRO D 6 7.74 -7.54 33.13
C PRO D 6 7.18 -8.95 33.12
N TYR D 7 6.47 -9.28 32.06
CA TYR D 7 5.98 -10.63 31.80
C TYR D 7 6.79 -11.22 30.67
N ALA D 8 7.12 -12.50 30.77
CA ALA D 8 7.82 -13.18 29.68
C ALA D 8 6.93 -13.23 28.44
N PRO D 9 7.54 -13.36 27.24
CA PRO D 9 6.75 -13.47 26.01
C PRO D 9 5.63 -14.48 26.14
N ASP D 10 4.47 -14.15 25.61
CA ASP D 10 3.29 -14.98 25.82
C ASP D 10 2.32 -14.86 24.64
N SER D 11 1.52 -15.89 24.44
CA SER D 11 0.41 -15.85 23.50
C SER D 11 -0.88 -16.01 24.28
N SER D 12 -1.83 -15.12 24.02
CA SER D 12 -3.05 -15.10 24.79
C SER D 12 -4.16 -14.38 24.07
N ASN D 13 -5.39 -14.81 24.33
CA ASN D 13 -6.55 -14.04 23.93
C ASN D 13 -6.71 -12.89 24.93
N LEU D 14 -6.00 -11.80 24.66
CA LEU D 14 -5.84 -10.72 25.63
C LEU D 14 -7.11 -9.93 25.88
N PRO D 15 -7.31 -9.49 27.13
CA PRO D 15 -8.45 -8.63 27.47
C PRO D 15 -8.37 -7.30 26.73
N SER D 16 -9.52 -6.65 26.59
CA SER D 16 -9.60 -5.37 25.87
C SER D 16 -9.21 -4.19 26.74
N ASN D 17 -9.09 -3.04 26.09
CA ASN D 17 -8.95 -1.76 26.75
C ASN D 17 -7.83 -1.70 27.79
N CYS D 18 -6.71 -2.33 27.49
CA CYS D 18 -5.51 -2.06 28.26
C CYS D 18 -4.33 -2.19 27.33
N TRP D 19 -3.22 -1.59 27.72
CA TRP D 19 -2.04 -1.52 26.89
C TRP D 19 -1.03 -2.59 27.23
N TYR D 20 -0.49 -3.22 26.20
CA TYR D 20 0.58 -4.19 26.36
C TYR D 20 1.84 -3.60 25.78
N LEU D 21 2.72 -3.18 26.68
CA LEU D 21 3.93 -2.47 26.31
C LEU D 21 5.06 -3.47 26.15
N VAL D 22 5.50 -3.71 24.92
CA VAL D 22 6.55 -4.68 24.67
C VAL D 22 7.92 -4.01 24.70
N ASN D 23 8.90 -4.73 25.25
CA ASN D 23 10.25 -4.21 25.38
C ASN D 23 11.25 -5.24 24.86
N PRO D 24 11.29 -5.43 23.53
CA PRO D 24 12.16 -6.45 22.95
C PRO D 24 13.61 -6.11 23.12
N SER D 25 14.47 -7.12 23.22
CA SER D 25 15.90 -6.85 23.25
C SER D 25 16.51 -7.22 21.90
N ASN D 26 15.72 -7.86 21.06
CA ASN D 26 16.19 -8.30 19.77
C ASN D 26 15.32 -7.77 18.64
N ASP D 27 15.88 -7.72 17.44
CA ASP D 27 15.11 -7.30 16.27
C ASP D 27 14.18 -8.42 15.81
N GLY D 28 13.40 -8.16 14.77
CA GLY D 28 12.49 -9.16 14.24
C GLY D 28 11.08 -9.02 14.75
N VAL D 29 10.29 -10.09 14.61
CA VAL D 29 8.88 -10.03 14.97
C VAL D 29 8.71 -9.87 16.48
N VAL D 30 7.96 -8.84 16.88
CA VAL D 30 7.76 -8.55 18.30
C VAL D 30 6.30 -8.75 18.69
N PHE D 31 5.42 -8.79 17.69
CA PHE D 31 3.97 -8.81 17.89
C PHE D 31 3.32 -9.45 16.69
N SER D 32 2.31 -10.29 16.91
CA SER D 32 1.53 -10.79 15.78
C SER D 32 0.12 -11.20 16.22
N VAL D 33 -0.83 -11.05 15.30
CA VAL D 33 -2.21 -11.46 15.54
C VAL D 33 -2.90 -11.79 14.21
N THR D 34 -3.65 -12.89 14.18
CA THR D 34 -4.50 -13.19 13.05
C THR D 34 -5.75 -13.93 13.52
N ASP D 35 -6.84 -13.75 12.78
CA ASP D 35 -8.06 -14.53 12.99
C ASP D 35 -8.16 -15.64 11.93
N ASN D 36 -7.10 -15.77 11.14
CA ASN D 36 -6.97 -16.76 10.08
C ASN D 36 -8.00 -16.63 8.96
N SER D 37 -8.66 -15.47 8.88
CA SER D 37 -9.72 -15.28 7.90
C SER D 37 -9.75 -13.88 7.29
N THR D 38 -9.60 -12.84 8.11
CA THR D 38 -9.79 -11.47 7.63
C THR D 38 -8.62 -10.52 7.91
N PHE D 39 -7.71 -10.91 8.78
CA PHE D 39 -6.67 -9.98 9.22
C PHE D 39 -5.44 -10.73 9.71
N TRP D 40 -4.28 -10.34 9.18
CA TRP D 40 -2.98 -10.82 9.64
C TRP D 40 -2.14 -9.58 9.89
N MET D 41 -1.58 -9.44 11.08
CA MET D 41 -0.72 -8.31 11.40
C MET D 41 0.48 -8.75 12.21
N PHE D 42 1.67 -8.31 11.82
CA PHE D 42 2.81 -8.44 12.72
C PHE D 42 3.64 -7.17 12.68
N THR D 43 4.42 -6.96 13.74
CA THR D 43 5.32 -5.82 13.79
C THR D 43 6.73 -6.35 13.82
N TYR D 44 7.57 -5.82 12.93
CA TYR D 44 8.96 -6.20 12.84
C TYR D 44 9.80 -5.05 13.36
N LEU D 45 10.63 -5.31 14.37
CA LEU D 45 11.55 -4.30 14.86
C LEU D 45 12.78 -4.28 13.97
N VAL D 46 12.98 -3.15 13.30
CA VAL D 46 14.11 -2.97 12.40
C VAL D 46 15.19 -2.14 13.07
N LEU D 47 16.42 -2.67 13.11
CA LEU D 47 17.54 -1.99 13.74
C LEU D 47 17.91 -0.72 12.99
N PRO D 48 18.48 0.26 13.69
CA PRO D 48 18.98 1.46 13.02
C PRO D 48 20.06 1.09 12.01
N ASN D 49 20.28 1.93 11.02
CA ASN D 49 21.33 1.70 10.03
C ASN D 49 21.19 0.34 9.34
N THR D 50 19.96 0.00 8.98
CA THR D 50 19.67 -1.22 8.23
C THR D 50 19.44 -0.89 6.75
N ALA D 51 20.34 -1.35 5.87
CA ALA D 51 20.16 -1.15 4.44
C ALA D 51 18.92 -1.88 3.96
N GLN D 52 18.22 -1.32 2.96
CA GLN D 52 16.97 -1.95 2.52
C GLN D 52 17.36 -3.33 2.05
N THR D 53 16.71 -4.32 2.65
CA THR D 53 17.07 -5.71 2.47
C THR D 53 15.86 -6.63 2.54
N ASN D 54 15.91 -7.70 1.77
CA ASN D 54 14.91 -8.74 1.84
C ASN D 54 15.27 -9.79 2.88
N VAL D 55 14.34 -10.07 3.80
CA VAL D 55 14.56 -11.05 4.86
C VAL D 55 13.44 -12.10 4.88
N THR D 56 13.80 -13.34 5.22
CA THR D 56 12.82 -14.43 5.30
C THR D 56 12.38 -14.62 6.75
N VAL D 57 11.06 -14.65 6.94
CA VAL D 57 10.46 -14.60 8.27
C VAL D 57 9.46 -15.74 8.46
N ASN D 58 9.50 -16.41 9.61
CA ASN D 58 8.44 -17.37 9.95
C ASN D 58 7.47 -16.77 10.94
N VAL D 59 6.24 -16.55 10.50
CA VAL D 59 5.24 -15.90 11.35
C VAL D 59 3.82 -16.40 11.00
N MET D 60 3.03 -16.65 12.04
CA MET D 60 1.63 -17.03 11.87
C MET D 60 1.46 -18.15 10.83
N ASN D 61 2.20 -19.24 11.05
CA ASN D 61 2.08 -20.48 10.30
C ASN D 61 2.59 -20.38 8.86
N GLU D 62 3.27 -19.29 8.53
CA GLU D 62 3.84 -19.15 7.20
C GLU D 62 5.31 -18.77 7.19
N THR D 63 5.95 -18.97 6.04
CA THR D 63 7.29 -18.46 5.81
C THR D 63 7.17 -17.44 4.71
N VAL D 64 7.54 -16.20 5.01
CA VAL D 64 7.39 -15.11 4.06
C VAL D 64 8.67 -14.31 3.87
N ASN D 65 8.82 -13.72 2.68
CA ASN D 65 9.91 -12.78 2.44
C ASN D 65 9.38 -11.36 2.55
N ILE D 66 10.05 -10.52 3.33
CA ILE D 66 9.64 -9.13 3.37
C ILE D 66 10.86 -8.24 3.17
N SER D 67 10.60 -7.05 2.67
CA SER D 67 11.60 -6.03 2.52
C SER D 67 11.60 -5.18 3.78
N ILE D 68 12.75 -5.10 4.45
CA ILE D 68 12.88 -4.23 5.61
C ILE D 68 13.93 -3.17 5.32
N ASP D 69 13.82 -2.04 6.02
CA ASP D 69 14.68 -0.90 5.76
C ASP D 69 14.66 0.06 6.93
N ASN D 70 15.82 0.59 7.31
CA ASN D 70 15.88 1.65 8.31
C ASN D 70 17.23 2.38 8.23
N SER D 71 17.36 3.31 7.28
CA SER D 71 18.53 4.19 7.17
C SER D 71 18.81 5.02 8.42
N GLY D 72 17.77 5.26 9.23
CA GLY D 72 17.92 6.17 10.36
C GLY D 72 18.74 5.65 11.53
N SER D 73 18.92 6.50 12.53
CA SER D 73 19.75 6.17 13.68
C SER D 73 18.89 5.70 14.85
N THR D 74 17.57 5.74 14.67
CA THR D 74 16.65 5.21 15.67
C THR D 74 16.13 3.82 15.26
N TYR D 75 15.51 3.13 16.22
CA TYR D 75 14.76 1.92 15.90
C TYR D 75 13.54 2.26 15.08
N ARG D 76 13.09 1.29 14.27
CA ARG D 76 11.80 1.44 13.61
C ARG D 76 10.99 0.17 13.76
N PHE D 77 9.86 0.29 14.45
CA PHE D 77 8.85 -0.76 14.53
C PHE D 77 7.95 -0.66 13.31
N VAL D 78 7.97 -1.66 12.43
CA VAL D 78 7.17 -1.59 11.21
C VAL D 78 6.03 -2.63 11.20
N ASP D 79 4.81 -2.16 10.97
CA ASP D 79 3.67 -3.06 10.87
C ASP D 79 3.55 -3.64 9.48
N TYR D 80 3.33 -4.95 9.41
CA TYR D 80 3.07 -5.65 8.15
C TYR D 80 1.72 -6.31 8.23
N ILE D 81 0.88 -6.10 7.21
CA ILE D 81 -0.51 -6.53 7.28
C ILE D 81 -0.96 -7.15 5.96
N LYS D 82 -1.82 -8.16 6.04
CA LYS D 82 -2.58 -8.63 4.88
C LYS D 82 -4.00 -8.96 5.34
N THR D 83 -4.94 -8.98 4.41
CA THR D 83 -6.34 -9.23 4.76
C THR D 83 -6.93 -10.42 4.01
N SER D 84 -6.08 -11.14 3.28
CA SER D 84 -6.44 -12.45 2.75
C SER D 84 -5.22 -13.35 2.78
N SER D 85 -5.45 -14.65 2.83
CA SER D 85 -4.37 -15.59 3.00
C SER D 85 -3.35 -15.57 1.86
N THR D 86 -3.83 -15.29 0.64
CA THR D 86 -3.00 -15.30 -0.57
C THR D 86 -2.27 -14.00 -0.83
N GLN D 87 -2.66 -12.95 -0.13
CA GLN D 87 -2.11 -11.61 -0.38
C GLN D 87 -0.71 -11.50 0.21
N ALA D 88 0.15 -10.71 -0.42
CA ALA D 88 1.47 -10.47 0.13
C ALA D 88 1.35 -9.49 1.26
N TYR D 89 2.13 -9.68 2.33
CA TYR D 89 2.18 -8.69 3.40
C TYR D 89 2.65 -7.36 2.86
N GLY D 90 2.06 -6.28 3.37
CA GLY D 90 2.51 -4.96 3.01
C GLY D 90 2.74 -4.14 4.24
N SER D 91 3.82 -3.38 4.25
CA SER D 91 4.09 -2.51 5.37
C SER D 91 3.03 -1.42 5.46
N ARG D 92 2.74 -1.00 6.69
CA ARG D 92 1.76 0.04 6.92
C ARG D 92 2.34 1.11 7.83
N ASN D 93 1.79 1.27 9.01
CA ASN D 93 2.36 2.27 9.87
C ASN D 93 3.62 1.79 10.56
N TYR D 94 4.36 2.73 11.12
CA TYR D 94 5.62 2.42 11.77
C TYR D 94 5.88 3.44 12.87
N LEU D 95 6.85 3.13 13.72
CA LEU D 95 7.26 4.00 14.80
C LEU D 95 8.77 4.17 14.80
N ASN D 96 9.25 5.38 14.54
CA ASN D 96 10.67 5.70 14.70
C ASN D 96 10.91 6.13 16.14
N THR D 97 11.77 5.40 16.85
CA THR D 97 11.96 5.66 18.27
C THR D 97 13.37 5.29 18.73
N ALA D 98 13.90 6.06 19.68
CA ALA D 98 15.21 5.77 20.26
C ALA D 98 15.15 4.60 21.24
N HIS D 99 13.95 4.17 21.59
CA HIS D 99 13.75 3.10 22.57
C HIS D 99 13.09 1.89 21.92
N ARG D 100 13.44 0.72 22.42
CA ARG D 100 12.81 -0.53 21.98
C ARG D 100 11.52 -0.74 22.73
N LEU D 101 10.58 0.19 22.52
CA LEU D 101 9.27 0.16 23.18
C LEU D 101 8.15 0.46 22.18
N GLN D 102 7.18 -0.44 22.13
CA GLN D 102 5.95 -0.25 21.32
C GLN D 102 4.83 -0.82 22.19
N ALA D 103 3.59 -0.37 22.00
CA ALA D 103 2.50 -0.87 22.83
C ALA D 103 1.27 -1.13 21.98
N TYR D 104 0.46 -2.09 22.42
CA TYR D 104 -0.71 -2.56 21.69
C TYR D 104 -1.93 -2.60 22.59
N ARG D 105 -3.08 -2.28 22.01
CA ARG D 105 -4.35 -2.32 22.72
C ARG D 105 -5.38 -2.93 21.77
N ARG D 106 -6.25 -3.80 22.28
CA ARG D 106 -7.37 -4.25 21.47
C ARG D 106 -8.63 -3.66 22.08
N ASP D 107 -9.44 -2.95 21.29
CA ASP D 107 -10.58 -2.28 21.88
C ASP D 107 -11.77 -3.23 21.98
N GLY D 108 -12.89 -2.71 22.47
CA GLY D 108 -14.08 -3.51 22.69
C GLY D 108 -14.67 -4.09 21.42
N ASP D 109 -14.27 -3.56 20.28
CA ASP D 109 -14.76 -4.08 19.00
C ASP D 109 -13.76 -5.02 18.34
N GLY D 110 -12.62 -5.19 18.98
CA GLY D 110 -11.63 -6.13 18.50
C GLY D 110 -10.57 -5.53 17.58
N ASN D 111 -10.56 -4.21 17.46
CA ASN D 111 -9.55 -3.54 16.64
C ASN D 111 -8.24 -3.34 17.38
N ILE D 112 -7.12 -3.51 16.68
CA ILE D 112 -5.78 -3.29 17.23
C ILE D 112 -5.37 -1.82 17.12
N SER D 113 -4.89 -1.27 18.23
CA SER D 113 -4.26 0.05 18.24
C SER D 113 -2.81 -0.07 18.66
N ASN D 114 -1.97 0.81 18.13
CA ASN D 114 -0.59 0.88 18.58
C ASN D 114 -0.05 2.26 18.24
N TYR D 115 1.19 2.56 18.62
CA TYR D 115 1.73 3.91 18.43
C TYR D 115 2.37 4.05 17.05
N TRP D 116 1.98 5.11 16.36
CA TRP D 116 2.46 5.41 15.04
C TRP D 116 3.17 6.75 15.04
N GLY D 117 4.24 6.87 14.27
CA GLY D 117 4.87 8.16 14.10
C GLY D 117 6.25 8.12 13.47
N ALA D 118 6.56 9.13 12.66
CA ALA D 118 7.90 9.31 12.13
C ALA D 118 8.86 9.84 13.21
N ASP D 119 8.28 10.28 14.33
CA ASP D 119 9.04 10.64 15.52
C ASP D 119 8.18 10.36 16.73
N THR D 120 8.76 10.48 17.92
CA THR D 120 7.99 10.25 19.14
C THR D 120 7.63 11.56 19.82
N GLN D 121 7.62 12.64 19.05
CA GLN D 121 7.19 13.93 19.56
C GLN D 121 5.93 14.39 18.84
N GLY D 122 6.03 15.42 18.01
CA GLY D 122 4.86 15.98 17.37
C GLY D 122 4.07 15.03 16.48
N ASP D 123 4.75 14.04 15.91
CA ASP D 123 4.09 13.14 14.97
C ASP D 123 3.52 11.89 15.63
N LEU D 124 3.77 11.72 16.94
CA LEU D 124 3.35 10.53 17.66
C LEU D 124 1.85 10.50 17.87
N ARG D 125 1.22 9.37 17.57
CA ARG D 125 -0.20 9.23 17.80
C ARG D 125 -0.56 7.76 17.99
N VAL D 126 -1.67 7.52 18.66
CA VAL D 126 -2.23 6.20 18.70
C VAL D 126 -3.07 5.98 17.46
N GLY D 127 -2.72 4.98 16.67
CA GLY D 127 -3.49 4.66 15.47
C GLY D 127 -4.28 3.38 15.66
N THR D 128 -5.37 3.23 14.93
CA THR D 128 -6.18 2.02 15.00
C THR D 128 -6.37 1.45 13.61
N TYR D 129 -6.14 0.15 13.49
CA TYR D 129 -6.44 -0.57 12.27
C TYR D 129 -7.88 -1.05 12.33
N SER D 130 -8.68 -0.65 11.36
CA SER D 130 -10.10 -1.02 11.37
C SER D 130 -10.32 -2.42 10.80
N ASN D 131 -9.87 -3.41 11.57
CA ASN D 131 -9.96 -4.81 11.19
C ASN D 131 -10.22 -5.60 12.45
N PRO D 132 -11.50 -5.75 12.79
CA PRO D 132 -11.78 -6.33 14.11
C PRO D 132 -11.40 -7.81 14.18
N VAL D 133 -10.61 -8.15 15.20
CA VAL D 133 -10.24 -9.54 15.48
C VAL D 133 -10.42 -9.79 16.99
N PRO D 134 -11.66 -9.66 17.47
CA PRO D 134 -11.92 -9.65 18.92
C PRO D 134 -11.51 -10.91 19.68
N ASN D 135 -11.51 -12.05 19.01
CA ASN D 135 -11.26 -13.33 19.69
C ASN D 135 -9.93 -13.96 19.30
N ALA D 136 -9.14 -13.24 18.50
CA ALA D 136 -7.88 -13.76 18.02
C ALA D 136 -6.81 -13.85 19.11
N VAL D 137 -5.96 -14.86 18.98
CA VAL D 137 -4.80 -15.02 19.85
C VAL D 137 -3.77 -13.95 19.50
N ILE D 138 -3.27 -13.25 20.50
CA ILE D 138 -2.22 -12.27 20.28
C ILE D 138 -0.91 -12.82 20.81
N ASN D 139 0.14 -12.76 19.98
CA ASN D 139 1.47 -13.23 20.35
C ASN D 139 2.35 -12.02 20.66
N LEU D 140 2.70 -11.84 21.94
CA LEU D 140 3.65 -10.83 22.35
C LEU D 140 5.02 -11.49 22.47
N ASN D 141 5.88 -11.25 21.47
CA ASN D 141 7.15 -11.95 21.38
C ASN D 141 8.28 -11.11 21.97
N ALA D 142 8.05 -10.67 23.20
CA ALA D 142 9.00 -9.84 23.94
C ALA D 142 8.54 -9.79 25.38
N ASP D 143 9.44 -9.46 26.30
CA ASP D 143 9.02 -9.10 27.67
C ASP D 143 8.06 -7.95 27.57
N PHE D 144 7.02 -7.93 28.41
CA PHE D 144 6.05 -6.85 28.30
C PHE D 144 5.46 -6.42 29.63
N TYR D 145 4.82 -5.27 29.61
CA TYR D 145 4.16 -4.71 30.78
C TYR D 145 2.71 -4.49 30.43
N VAL D 146 1.86 -4.49 31.45
CA VAL D 146 0.43 -4.26 31.20
C VAL D 146 -0.01 -2.97 31.87
N ILE D 147 -0.55 -2.05 31.07
CA ILE D 147 -0.97 -0.74 31.56
C ILE D 147 -2.48 -0.51 31.33
N PRO D 148 -3.24 -0.30 32.41
CA PRO D 148 -4.69 -0.07 32.30
C PRO D 148 -5.05 1.11 31.40
N ASP D 149 -6.24 1.09 30.78
CA ASP D 149 -6.68 2.23 29.96
C ASP D 149 -6.59 3.53 30.69
N SER D 150 -6.91 3.49 31.98
CA SER D 150 -6.89 4.67 32.81
C SER D 150 -5.50 5.29 32.88
N GLN D 151 -4.48 4.50 32.57
CA GLN D 151 -3.11 5.00 32.63
C GLN D 151 -2.50 5.11 31.24
N GLN D 152 -3.33 5.34 30.24
CA GLN D 152 -2.82 5.42 28.87
C GLN D 152 -1.74 6.50 28.73
N GLU D 153 -1.89 7.62 29.46
CA GLU D 153 -0.88 8.68 29.34
C GLU D 153 0.47 8.22 29.88
N THR D 154 0.44 7.35 30.87
CA THR D 154 1.65 6.72 31.37
C THR D 154 2.30 5.88 30.27
N CYS D 155 1.50 5.13 29.52
CA CYS D 155 2.02 4.35 28.40
C CYS D 155 2.68 5.28 27.38
N THR D 156 2.00 6.35 27.02
CA THR D 156 2.54 7.31 26.06
C THR D 156 3.89 7.86 26.53
N GLU D 157 4.01 8.15 27.82
CA GLU D 157 5.26 8.69 28.34
C GLU D 157 6.42 7.72 28.18
N TYR D 158 6.16 6.43 28.39
CA TYR D 158 7.17 5.39 28.21
C TYR D 158 7.56 5.31 26.75
N ILE D 159 6.57 5.38 25.88
CA ILE D 159 6.86 5.35 24.45
C ILE D 159 7.80 6.50 24.05
N ARG D 160 7.59 7.68 24.62
CA ARG D 160 8.43 8.83 24.27
C ARG D 160 9.81 8.78 24.93
N GLY D 161 9.86 8.36 26.19
CA GLY D 161 11.08 8.55 26.97
C GLY D 161 11.74 7.33 27.58
N GLY D 162 11.18 6.14 27.34
CA GLY D 162 11.72 4.92 27.92
C GLY D 162 11.14 4.64 29.29
N LEU D 163 11.45 3.45 29.82
CA LEU D 163 10.96 3.05 31.14
C LEU D 163 11.59 3.90 32.25
C2 BGC E . 12.64 -25.41 13.10
C3 BGC E . 11.69 -25.89 12.01
C4 BGC E . 10.56 -24.86 11.85
C5 BGC E . 11.22 -23.52 11.48
C6 BGC E . 10.16 -22.44 11.20
C1 BGC E . 13.19 -24.06 12.71
O1 BGC E . 14.09 -23.63 13.72
O2 BGC E . 13.73 -26.33 13.26
O3 BGC E . 11.17 -27.20 12.35
O4 BGC E . 9.68 -25.25 10.79
O5 BGC E . 12.11 -23.10 12.54
O6 BGC E . 9.47 -22.76 9.99
C1 GAL E . 8.33 -25.58 11.19
C2 GAL E . 7.49 -25.52 9.93
C3 GAL E . 6.04 -25.90 10.21
C4 GAL E . 5.98 -27.27 10.92
C5 GAL E . 6.90 -27.26 12.14
C6 GAL E . 6.85 -28.64 12.80
O2 GAL E . 7.53 -24.18 9.38
O3 GAL E . 5.38 -25.98 8.94
O4 GAL E . 6.37 -28.32 10.03
O5 GAL E . 8.26 -26.91 11.75
O6 GAL E . 7.21 -28.54 14.19
C1 NAG E . 4.00 -25.64 8.99
C2 NAG E . 3.59 -25.29 7.58
C3 NAG E . 2.09 -25.00 7.56
C4 NAG E . 1.32 -26.18 8.16
C5 NAG E . 1.89 -26.48 9.54
C6 NAG E . 1.22 -27.73 10.16
C7 NAG E . 5.41 -24.15 6.37
C8 NAG E . 6.13 -22.82 6.13
N2 NAG E . 4.36 -24.10 7.21
O3 NAG E . 1.65 -24.71 6.20
O4 NAG E . -0.05 -25.80 8.33
O5 NAG E . 3.26 -26.77 9.44
O6 NAG E . 1.70 -27.92 11.51
O7 NAG E . 5.79 -25.17 5.81
C1 GAL E . -1.03 -26.69 7.78
C2 GAL E . -2.38 -26.28 8.35
C3 GAL E . -3.51 -27.01 7.67
C4 GAL E . -3.39 -26.84 6.16
C5 GAL E . -2.02 -27.35 5.74
C6 GAL E . -1.78 -27.21 4.24
O2 GAL E . -2.39 -26.61 9.75
O3 GAL E . -4.75 -26.44 8.16
O4 GAL E . -3.51 -25.45 5.80
O5 GAL E . -1.01 -26.55 6.37
O6 GAL E . -0.47 -27.69 3.94
C2 BGC F . 32.18 -0.92 -14.39
C3 BGC F . 30.67 -0.77 -14.38
C4 BGC F . 30.03 -1.90 -13.59
C5 BGC F . 30.65 -1.99 -12.20
C6 BGC F . 30.13 -3.23 -11.47
C1 BGC F . 32.67 -0.96 -12.94
O1 BGC F . 34.09 -1.10 -12.92
O2 BGC F . 32.78 0.19 -15.07
O3 BGC F . 30.19 -0.80 -15.75
O4 BGC F . 28.63 -1.63 -13.44
O5 BGC F . 32.08 -2.10 -12.28
C1 GAL F . 27.76 -2.66 -13.91
C2 GAL F . 26.35 -2.27 -13.52
C3 GAL F . 25.35 -3.27 -14.03
C4 GAL F . 25.50 -3.44 -15.52
C5 GAL F . 26.97 -3.82 -15.80
C6 GAL F . 27.22 -4.03 -17.29
O2 GAL F . 26.25 -2.22 -12.07
O3 GAL F . 24.06 -2.74 -13.74
O4 GAL F . 25.14 -2.21 -16.17
O5 GAL F . 27.84 -2.76 -15.34
O6 GAL F . 28.62 -3.90 -17.53
C1 NAG F . 23.12 -3.72 -13.36
C2 NAG F . 22.12 -3.03 -12.52
C3 NAG F . 21.09 -4.04 -12.07
C4 NAG F . 20.45 -4.70 -13.29
C5 NAG F . 21.58 -5.29 -14.13
C6 NAG F . 21.03 -5.96 -15.39
C7 NAG F . 23.15 -1.22 -11.23
C8 NAG F . 23.95 -0.87 -9.97
N2 NAG F . 22.85 -2.52 -11.36
O3 NAG F . 20.09 -3.38 -11.31
O4 NAG F . 19.61 -5.76 -12.82
O5 NAG F . 22.49 -4.24 -14.53
O6 NAG F . 20.24 -5.04 -16.13
O7 NAG F . 22.80 -0.36 -12.04
C1 GAL F . 18.28 -5.80 -13.33
C2 GAL F . 17.65 -7.11 -12.85
C3 GAL F . 16.25 -7.24 -13.39
C4 GAL F . 15.44 -6.03 -12.95
C5 GAL F . 16.18 -4.75 -13.38
C6 GAL F . 15.44 -3.51 -12.90
O2 GAL F . 18.44 -8.23 -13.27
O3 GAL F . 15.63 -8.43 -12.84
O4 GAL F . 15.32 -6.06 -11.52
O5 GAL F . 17.50 -4.72 -12.81
O6 GAL F . 16.22 -2.35 -13.23
C2 BGC G . -38.85 27.99 11.47
C3 BGC G . -37.36 27.99 11.11
C4 BGC G . -36.59 27.49 12.29
C5 BGC G . -37.11 26.09 12.55
C6 BGC G . -36.37 25.55 13.72
C1 BGC G . -39.26 26.57 11.82
O2 BGC G . -39.61 28.44 10.35
O3 BGC G . -36.92 29.31 10.73
O4 BGC G . -35.21 27.45 11.95
O5 BGC G . -38.49 26.09 12.92
O6 BGC G . -36.59 24.13 13.85
C1 GAL G . -34.33 28.19 12.80
C2 GAL G . -32.95 27.67 12.49
C3 GAL G . -31.92 28.39 13.33
C4 GAL G . -32.06 29.90 13.12
C5 GAL G . -33.48 30.34 13.39
C6 GAL G . -33.61 31.84 13.13
O2 GAL G . -32.92 26.25 12.78
O3 GAL G . -30.64 27.94 12.86
O4 GAL G . -31.74 30.21 11.75
O5 GAL G . -34.38 29.62 12.51
O6 GAL G . -34.98 32.22 13.17
C1 NAG G . -29.64 27.80 13.86
C2 NAG G . -28.57 26.88 13.28
C3 NAG G . -27.39 26.81 14.22
C4 NAG G . -26.89 28.22 14.53
C5 NAG G . -28.06 29.02 15.08
C6 NAG G . -27.63 30.47 15.36
C7 NAG G . -29.55 25.05 11.92
C8 NAG G . -30.14 23.63 11.95
N2 NAG G . -29.15 25.53 13.10
O3 NAG G . -26.36 26.01 13.60
O4 NAG G . -25.91 28.14 15.55
O5 NAG G . -29.10 29.10 14.11
O6 NAG G . -28.73 31.19 15.91
O7 NAG G . -29.48 25.67 10.86
C1 GAL G . -24.63 28.77 15.29
C2 GAL G . -23.89 28.83 16.62
C3 GAL G . -22.47 29.30 16.43
C4 GAL G . -21.79 28.46 15.36
C5 GAL G . -22.65 28.54 14.10
C6 GAL G . -22.05 27.73 12.96
O2 GAL G . -24.55 29.77 17.47
O3 GAL G . -21.76 29.17 17.70
O4 GAL G . -21.71 27.09 15.78
O5 GAL G . -23.93 27.97 14.37
O6 GAL G . -22.90 27.88 11.83
C1 NAG H . -2.29 5.59 5.76
C2 NAG H . -2.09 5.51 7.25
C3 NAG H . -1.28 6.72 7.72
C4 NAG H . 0.02 6.83 6.94
C5 NAG H . -0.34 6.84 5.45
C6 NAG H . 0.90 7.00 4.56
C7 NAG H . -3.93 4.48 8.45
C8 NAG H . -5.32 4.68 9.06
N2 NAG H . -3.40 5.56 7.89
O3 NAG H . -1.02 6.61 9.14
O4 NAG H . 0.60 8.07 7.29
O5 NAG H . -1.01 5.61 5.11
O6 NAG H . 1.88 6.03 4.91
O7 NAG H . -3.34 3.40 8.48
C1 GAL H . 2.00 8.04 7.61
C2 GAL H . 2.47 9.47 7.71
C3 GAL H . 3.94 9.50 8.09
C4 GAL H . 4.14 8.75 9.40
C5 GAL H . 3.58 7.33 9.23
C6 GAL H . 3.73 6.55 10.54
O2 GAL H . 2.28 10.12 6.43
O3 GAL H . 4.35 10.88 8.23
O4 GAL H . 3.43 9.42 10.46
O5 GAL H . 2.19 7.38 8.87
O6 GAL H . 3.08 5.30 10.40
P PO4 I . -9.80 -30.95 -13.37
O1 PO4 I . -8.97 -31.71 -14.39
O2 PO4 I . -11.22 -30.74 -13.88
O3 PO4 I . -9.22 -29.56 -13.16
O4 PO4 I . -9.86 -31.70 -12.07
P PO4 J . -1.64 6.72 -10.13
O1 PO4 J . -1.02 6.15 -11.40
O2 PO4 J . -3.00 6.10 -9.91
O3 PO4 J . -1.72 8.24 -10.16
O4 PO4 J . -0.74 6.35 -8.97
P PO4 K . -5.27 24.67 3.04
O1 PO4 K . -5.48 24.76 1.54
O2 PO4 K . -3.82 24.38 3.34
O3 PO4 K . -5.69 25.92 3.76
O4 PO4 K . -6.08 23.51 3.57
P PO4 L . 15.24 0.26 25.71
O1 PO4 L . 15.54 0.36 24.22
O2 PO4 L . 16.35 0.97 26.47
O3 PO4 L . 15.17 -1.19 26.13
O4 PO4 L . 13.92 0.93 26.03
#